data_3DFH
#
_entry.id   3DFH
#
_cell.length_a   121.836
_cell.length_b   121.836
_cell.length_c   319.347
_cell.angle_alpha   90.000
_cell.angle_beta   90.000
_cell.angle_gamma   90.000
#
_symmetry.space_group_name_H-M   'I 4 2 2'
#
loop_
_entity.id
_entity.type
_entity.pdbx_description
1 polymer 'mandelate racemase'
2 non-polymer 'SODIUM ION'
3 water water
#
_entity_poly.entity_id   1
_entity_poly.type   'polypeptide(L)'
_entity_poly.pdbx_seq_one_letter_code
;MSLKETIISDIHCIITKPDRHNLITVVVETNEGVTGFGCATFQQRPLAVKTMVDEYLKPILIGKNANNIEDLWQMMMVNA
YWRNGPVINNAISGVDMALWDIKAKLAGMPLHQLFGGKSRDAIPVYTHATSDTMEGIYDLVEGFLEKGYKHIRCQLGFYG
GVPTDLHTTQNPTEGSYYDQDQYMDNTLTMFKSLREKYGNQFHILHDVHERLFPNQAIQFAKEVEQYKPYFIEDILPPNQ
TEWLDNIRSQSSVSLGLGELFNNPEEWKSLIANRRIDFIRCHVSQIGGITPALKLGHLCQNFGVRIAWHCPPDMTPIGAA
VNTHLNVHLHNAAIQEHVEYNGNTHKVFPNAAEPINGYLYASEIAGIGVEIDREAAAEFPVMYRPHEGHHHHHH
;
_entity_poly.pdbx_strand_id   A,B,C
#
loop_
_chem_comp.id
_chem_comp.type
_chem_comp.name
_chem_comp.formula
NA non-polymer 'SODIUM ION' 'Na 1'
#
# COMPACT_ATOMS: atom_id res chain seq x y z
N SER A 2 -8.95 9.16 -0.51
CA SER A 2 -10.32 8.98 -1.11
C SER A 2 -10.17 9.06 -2.63
N LEU A 3 -9.55 8.03 -3.20
CA LEU A 3 -9.16 8.07 -4.59
C LEU A 3 -9.62 6.80 -5.23
N LYS A 4 -10.65 6.88 -6.06
CA LYS A 4 -11.19 5.69 -6.67
C LYS A 4 -10.21 5.09 -7.68
N GLU A 5 -10.34 3.78 -7.92
CA GLU A 5 -9.64 3.17 -9.04
C GLU A 5 -9.69 4.09 -10.24
N THR A 6 -8.61 4.16 -11.00
CA THR A 6 -8.63 4.85 -12.27
C THR A 6 -8.42 3.77 -13.33
N ILE A 7 -9.49 3.42 -14.06
CA ILE A 7 -9.44 2.31 -15.00
C ILE A 7 -8.96 2.74 -16.37
N ILE A 8 -7.92 2.09 -16.90
CA ILE A 8 -7.43 2.44 -18.24
C ILE A 8 -8.45 1.89 -19.22
N SER A 9 -8.93 2.74 -20.12
CA SER A 9 -9.93 2.38 -21.11
C SER A 9 -9.31 2.26 -22.53
N ASP A 10 -8.20 2.96 -22.80
CA ASP A 10 -7.61 2.83 -24.13
C ASP A 10 -6.18 3.36 -24.19
N ILE A 11 -5.44 3.01 -25.24
CA ILE A 11 -4.03 3.39 -25.40
C ILE A 11 -3.69 3.64 -26.84
N HIS A 12 -2.99 4.74 -27.12
CA HIS A 12 -2.60 5.07 -28.49
C HIS A 12 -1.13 5.42 -28.56
N CYS A 13 -0.49 5.12 -29.68
CA CYS A 13 0.87 5.56 -29.95
C CYS A 13 0.80 6.33 -31.23
N ILE A 14 1.21 7.60 -31.19
CA ILE A 14 1.12 8.49 -32.38
C ILE A 14 2.51 8.88 -32.84
N ILE A 15 2.79 8.72 -34.12
CA ILE A 15 4.06 9.17 -34.66
C ILE A 15 3.82 10.40 -35.51
N THR A 16 4.61 11.45 -35.29
CA THR A 16 4.51 12.66 -36.13
C THR A 16 5.85 13.20 -36.59
N LYS A 17 5.87 13.81 -37.77
CA LYS A 17 7.09 14.44 -38.28
C LYS A 17 6.91 15.91 -38.70
N PRO A 18 6.64 16.80 -37.72
CA PRO A 18 6.33 18.20 -38.03
C PRO A 18 7.59 18.97 -38.40
N ASP A 19 8.74 18.33 -38.23
CA ASP A 19 10.00 18.88 -38.68
C ASP A 19 10.85 17.75 -39.26
N ARG A 20 12.06 17.58 -38.75
CA ARG A 20 13.01 16.63 -39.31
C ARG A 20 12.81 15.22 -38.75
N HIS A 21 12.57 15.15 -37.45
CA HIS A 21 12.69 13.90 -36.69
C HIS A 21 11.36 13.19 -36.44
N ASN A 22 11.43 11.88 -36.32
CA ASN A 22 10.24 11.08 -36.03
C ASN A 22 9.84 11.26 -34.58
N LEU A 23 8.61 11.72 -34.35
CA LEU A 23 8.17 12.02 -32.98
C LEU A 23 7.04 11.11 -32.47
N ILE A 24 7.28 10.51 -31.29
CA ILE A 24 6.43 9.45 -30.75
C ILE A 24 5.74 9.78 -29.44
N THR A 25 4.43 9.77 -29.47
CA THR A 25 3.65 10.04 -28.26
C THR A 25 2.76 8.84 -27.88
N VAL A 26 2.63 8.60 -26.58
CA VAL A 26 1.74 7.56 -26.07
C VAL A 26 0.65 8.24 -25.26
N VAL A 27 -0.59 7.84 -25.53
CA VAL A 27 -1.76 8.43 -24.91
C VAL A 27 -2.47 7.34 -24.08
N VAL A 28 -2.66 7.61 -22.79
CA VAL A 28 -3.44 6.69 -21.94
C VAL A 28 -4.75 7.35 -21.54
N GLU A 29 -5.87 6.71 -21.91
CA GLU A 29 -7.24 7.17 -21.58
C GLU A 29 -7.83 6.36 -20.44
N THR A 30 -8.72 6.96 -19.66
CA THR A 30 -9.29 6.28 -18.50
C THR A 30 -10.84 6.39 -18.47
N ASN A 31 -11.50 5.56 -17.66
CA ASN A 31 -12.97 5.64 -17.48
C ASN A 31 -13.42 6.92 -16.85
N GLU A 32 -12.49 7.64 -16.24
CA GLU A 32 -12.78 8.91 -15.58
C GLU A 32 -12.57 10.08 -16.52
N GLY A 33 -12.21 9.81 -17.77
CA GLY A 33 -11.93 10.91 -18.70
C GLY A 33 -10.61 11.65 -18.47
N VAL A 34 -9.82 11.24 -17.49
CA VAL A 34 -8.50 11.86 -17.31
C VAL A 34 -7.54 11.18 -18.27
N THR A 35 -6.87 11.96 -19.08
CA THR A 35 -6.01 11.39 -20.13
C THR A 35 -4.54 11.69 -19.85
N GLY A 36 -3.67 10.71 -20.05
CA GLY A 36 -2.26 10.94 -19.90
C GLY A 36 -1.47 10.89 -21.19
N PHE A 37 -0.36 11.63 -21.20
CA PHE A 37 0.55 11.65 -22.37
C PHE A 37 1.98 11.33 -21.96
N GLY A 38 2.68 10.60 -22.81
CA GLY A 38 4.07 10.25 -22.55
C GLY A 38 4.91 10.37 -23.82
N CYS A 39 6.21 10.27 -23.68
CA CYS A 39 7.06 10.40 -24.85
C CYS A 39 7.90 9.14 -25.00
N ALA A 40 8.04 8.67 -26.23
CA ALA A 40 9.09 7.70 -26.51
C ALA A 40 10.05 8.34 -27.52
N THR A 41 11.33 8.02 -27.47
CA THR A 41 12.20 8.54 -28.48
C THR A 41 12.99 7.39 -29.06
N PHE A 42 12.73 7.00 -30.30
CA PHE A 42 13.62 6.05 -30.97
C PHE A 42 13.70 6.50 -32.41
N GLN A 43 14.60 7.45 -32.69
CA GLN A 43 14.59 8.15 -34.00
C GLN A 43 14.68 7.10 -35.12
N GLN A 44 15.58 6.14 -34.91
CA GLN A 44 15.99 5.24 -35.96
C GLN A 44 14.98 4.11 -36.16
N ARG A 45 14.14 3.87 -35.15
CA ARG A 45 13.20 2.72 -35.20
C ARG A 45 11.76 3.02 -34.71
N PRO A 46 11.10 4.04 -35.31
CA PRO A 46 9.78 4.53 -34.84
C PRO A 46 8.73 3.42 -34.75
N LEU A 47 8.78 2.55 -35.74
CA LEU A 47 7.73 1.55 -35.99
C LEU A 47 7.87 0.39 -35.00
N ALA A 48 9.11 0.11 -34.63
CA ALA A 48 9.37 -0.89 -33.62
C ALA A 48 8.62 -0.52 -32.33
N VAL A 49 8.71 0.75 -31.94
CA VAL A 49 8.09 1.24 -30.72
C VAL A 49 6.55 1.21 -30.79
N LYS A 50 5.97 1.63 -31.90
CA LYS A 50 4.51 1.76 -32.02
C LYS A 50 3.82 0.40 -32.06
N THR A 51 4.46 -0.50 -32.78
CA THR A 51 4.13 -1.92 -32.81
C THR A 51 4.13 -2.53 -31.37
N MET A 52 5.21 -2.26 -30.62
CA MET A 52 5.31 -2.74 -29.24
C MET A 52 4.07 -2.26 -28.41
N VAL A 53 3.71 -1.00 -28.58
CA VAL A 53 2.65 -0.40 -27.77
C VAL A 53 1.32 -0.94 -28.18
N ASP A 54 1.09 -0.96 -29.49
CA ASP A 54 -0.19 -1.38 -30.05
C ASP A 54 -0.39 -2.88 -29.84
N GLU A 55 0.52 -3.69 -30.40
CA GLU A 55 0.36 -5.16 -30.37
C GLU A 55 0.42 -5.69 -28.94
N TYR A 56 1.41 -5.22 -28.15
CA TYR A 56 1.76 -5.90 -26.90
C TYR A 56 1.49 -5.19 -25.55
N LEU A 57 1.80 -3.89 -25.43
CA LEU A 57 1.45 -3.21 -24.18
C LEU A 57 -0.07 -3.07 -23.95
N LYS A 58 -0.80 -2.67 -24.99
CA LYS A 58 -2.22 -2.31 -24.88
C LYS A 58 -3.13 -3.35 -24.22
N PRO A 59 -3.03 -4.63 -24.65
CA PRO A 59 -3.93 -5.64 -24.08
C PRO A 59 -3.58 -5.99 -22.65
N ILE A 60 -2.34 -5.78 -22.22
CA ILE A 60 -2.01 -6.09 -20.81
C ILE A 60 -2.28 -4.88 -19.94
N LEU A 61 -2.77 -3.81 -20.54
CA LEU A 61 -3.02 -2.59 -19.79
C LEU A 61 -4.52 -2.23 -19.64
N ILE A 62 -5.32 -2.48 -20.69
CA ILE A 62 -6.77 -2.21 -20.60
C ILE A 62 -7.42 -2.86 -19.37
N GLY A 63 -8.28 -2.13 -18.66
CA GLY A 63 -8.94 -2.69 -17.49
C GLY A 63 -8.13 -2.47 -16.23
N LYS A 64 -6.85 -2.17 -16.37
CA LYS A 64 -5.99 -2.11 -15.20
C LYS A 64 -6.20 -0.80 -14.43
N ASN A 65 -5.82 -0.81 -13.17
CA ASN A 65 -5.91 0.40 -12.36
C ASN A 65 -4.62 1.23 -12.46
N ALA A 66 -4.71 2.34 -13.18
CA ALA A 66 -3.61 3.32 -13.36
C ALA A 66 -3.02 3.94 -12.10
N ASN A 67 -3.73 3.89 -10.96
CA ASN A 67 -3.18 4.48 -9.71
C ASN A 67 -1.86 3.90 -9.22
N ASN A 68 -1.69 2.58 -9.38
CA ASN A 68 -0.53 1.91 -8.86
C ASN A 68 0.55 1.87 -9.93
N ILE A 69 1.21 3.00 -10.12
CA ILE A 69 2.17 3.16 -11.21
C ILE A 69 3.34 2.18 -11.17
N GLU A 70 3.98 2.02 -10.01
CA GLU A 70 5.16 1.14 -9.94
CA GLU A 70 5.15 1.15 -10.03
C GLU A 70 4.73 -0.30 -10.12
N ASP A 71 3.61 -0.65 -9.52
CA ASP A 71 3.08 -1.99 -9.71
C ASP A 71 2.90 -2.27 -11.24
N LEU A 72 2.35 -1.30 -11.97
CA LEU A 72 2.18 -1.51 -13.40
C LEU A 72 3.54 -1.54 -14.13
N TRP A 73 4.47 -0.71 -13.67
CA TRP A 73 5.74 -0.59 -14.34
C TRP A 73 6.45 -1.93 -14.23
N GLN A 74 6.42 -2.49 -13.04
CA GLN A 74 7.15 -3.72 -12.79
C GLN A 74 6.54 -4.82 -13.67
N MET A 75 5.22 -4.79 -13.84
CA MET A 75 4.58 -5.79 -14.64
C MET A 75 4.90 -5.66 -16.15
N MET A 76 4.95 -4.44 -16.64
CA MET A 76 5.20 -4.30 -18.05
C MET A 76 6.67 -4.73 -18.27
N MET A 77 7.56 -4.33 -17.34
CA MET A 77 9.01 -4.56 -17.53
C MET A 77 9.39 -6.08 -17.63
N VAL A 78 8.67 -6.96 -16.94
CA VAL A 78 8.98 -8.40 -16.95
C VAL A 78 8.03 -9.18 -17.83
N ASN A 79 7.10 -8.51 -18.51
CA ASN A 79 6.05 -9.23 -19.24
C ASN A 79 6.49 -10.06 -20.44
N ALA A 80 7.57 -9.63 -21.11
CA ALA A 80 8.04 -10.33 -22.30
C ALA A 80 9.09 -11.40 -21.93
N TYR A 81 9.16 -11.72 -20.64
CA TYR A 81 10.26 -12.52 -20.03
C TYR A 81 11.67 -11.89 -20.20
N TRP A 82 12.18 -11.88 -21.43
CA TRP A 82 13.32 -11.02 -21.78
C TRP A 82 12.99 -9.55 -21.58
N ARG A 83 14.01 -8.76 -21.21
CA ARG A 83 13.78 -7.41 -20.77
C ARG A 83 14.98 -6.51 -21.09
N ASN A 84 14.85 -5.20 -20.83
CA ASN A 84 15.94 -4.18 -20.95
C ASN A 84 16.53 -4.01 -22.35
N GLY A 85 15.93 -3.17 -23.17
CA GLY A 85 16.41 -2.89 -24.54
C GLY A 85 15.70 -1.61 -24.97
N PRO A 86 16.13 -0.99 -26.07
CA PRO A 86 15.61 0.34 -26.46
C PRO A 86 14.17 0.27 -26.94
N VAL A 87 13.75 -0.87 -27.41
CA VAL A 87 12.41 -0.95 -27.96
C VAL A 87 11.37 -1.10 -26.86
N ILE A 88 11.50 -2.16 -26.06
CA ILE A 88 10.59 -2.33 -24.92
C ILE A 88 10.57 -1.13 -23.96
N ASN A 89 11.77 -0.64 -23.57
CA ASN A 89 11.81 0.39 -22.52
C ASN A 89 11.14 1.66 -23.00
N ASN A 90 11.37 2.03 -24.26
CA ASN A 90 10.76 3.25 -24.79
C ASN A 90 9.23 3.14 -24.75
N ALA A 91 8.72 2.02 -25.22
CA ALA A 91 7.28 1.82 -25.22
C ALA A 91 6.77 1.96 -23.80
N ILE A 92 7.46 1.32 -22.83
CA ILE A 92 7.00 1.35 -21.46
C ILE A 92 7.14 2.74 -20.88
N SER A 93 8.23 3.45 -21.24
CA SER A 93 8.41 4.77 -20.65
C SER A 93 7.25 5.75 -20.99
N GLY A 94 6.80 5.75 -22.25
CA GLY A 94 5.59 6.48 -22.69
C GLY A 94 4.33 6.19 -21.86
N VAL A 95 4.05 4.92 -21.57
CA VAL A 95 2.93 4.58 -20.67
C VAL A 95 3.22 5.14 -19.25
N ASP A 96 4.43 4.85 -18.77
CA ASP A 96 4.81 5.30 -17.44
C ASP A 96 4.62 6.80 -17.32
N MET A 97 5.08 7.58 -18.30
CA MET A 97 4.94 9.04 -18.20
C MET A 97 3.45 9.40 -18.20
N ALA A 98 2.67 8.76 -19.07
CA ALA A 98 1.24 8.97 -19.08
C ALA A 98 0.55 8.65 -17.74
N LEU A 99 0.97 7.58 -17.06
CA LEU A 99 0.35 7.26 -15.79
C LEU A 99 0.71 8.30 -14.73
N TRP A 100 1.96 8.76 -14.72
CA TRP A 100 2.27 9.91 -13.86
C TRP A 100 1.47 11.21 -14.14
N ASP A 101 1.29 11.51 -15.42
CA ASP A 101 0.53 12.67 -15.88
C ASP A 101 -0.88 12.48 -15.31
N ILE A 102 -1.42 11.29 -15.52
CA ILE A 102 -2.74 11.00 -15.00
C ILE A 102 -2.80 11.28 -13.51
N LYS A 103 -1.86 10.70 -12.76
CA LYS A 103 -1.78 10.95 -11.29
C LYS A 103 -1.67 12.46 -10.88
N ALA A 104 -0.79 13.22 -11.54
CA ALA A 104 -0.69 14.65 -11.29
C ALA A 104 -1.98 15.42 -11.61
N LYS A 105 -2.63 15.08 -12.72
CA LYS A 105 -3.95 15.69 -13.01
C LYS A 105 -4.97 15.31 -11.93
N LEU A 106 -5.04 14.03 -11.54
CA LEU A 106 -5.95 13.69 -10.45
C LEU A 106 -5.61 14.46 -9.22
N ALA A 107 -4.32 14.63 -8.94
CA ALA A 107 -3.95 15.44 -7.79
C ALA A 107 -4.22 16.94 -7.95
N GLY A 108 -4.55 17.41 -9.16
CA GLY A 108 -4.60 18.86 -9.38
C GLY A 108 -3.27 19.61 -9.09
N MET A 109 -2.12 19.00 -9.38
CA MET A 109 -0.84 19.72 -9.21
C MET A 109 0.09 19.42 -10.36
N PRO A 110 1.04 20.35 -10.65
CA PRO A 110 2.11 20.09 -11.63
C PRO A 110 2.84 18.77 -11.27
N LEU A 111 3.34 18.04 -12.25
CA LEU A 111 4.04 16.80 -11.94
C LEU A 111 5.13 16.93 -10.85
N HIS A 112 5.97 17.98 -10.93
CA HIS A 112 7.02 18.12 -9.88
C HIS A 112 6.49 18.33 -8.46
N GLN A 113 5.26 18.83 -8.32
CA GLN A 113 4.73 19.03 -6.96
C GLN A 113 4.25 17.68 -6.42
N LEU A 114 3.79 16.82 -7.31
CA LEU A 114 3.42 15.48 -6.89
C LEU A 114 4.62 14.79 -6.34
N PHE A 115 5.77 15.00 -7.02
CA PHE A 115 7.04 14.35 -6.63
C PHE A 115 7.35 14.75 -5.28
N GLY A 116 6.95 15.95 -4.89
CA GLY A 116 7.35 16.47 -3.56
C GLY A 116 7.81 17.92 -3.54
N GLY A 117 7.82 18.60 -4.70
CA GLY A 117 8.24 20.00 -4.68
C GLY A 117 9.50 20.33 -5.46
N LYS A 118 9.83 21.62 -5.47
CA LYS A 118 10.98 22.14 -6.19
C LYS A 118 12.21 22.10 -5.30
N SER A 119 13.34 21.68 -5.87
CA SER A 119 14.61 21.93 -5.22
C SER A 119 15.23 23.27 -5.67
N ARG A 120 14.68 23.86 -6.73
CA ARG A 120 15.27 25.02 -7.41
C ARG A 120 14.15 25.65 -8.31
N ASP A 121 14.30 26.90 -8.74
CA ASP A 121 13.25 27.58 -9.51
C ASP A 121 13.24 27.17 -10.93
N ALA A 122 14.39 26.76 -11.43
CA ALA A 122 14.63 26.63 -12.87
C ALA A 122 15.86 25.72 -13.07
N ILE A 123 16.01 25.09 -14.23
CA ILE A 123 17.23 24.30 -14.48
C ILE A 123 18.07 24.97 -15.59
N PRO A 124 19.39 25.03 -15.45
CA PRO A 124 20.10 25.63 -16.59
C PRO A 124 20.00 24.75 -17.86
N VAL A 125 20.16 25.37 -19.03
CA VAL A 125 20.08 24.64 -20.32
C VAL A 125 21.43 24.76 -21.06
N TYR A 126 21.90 23.67 -21.70
CA TYR A 126 23.00 23.78 -22.69
C TYR A 126 22.55 23.58 -24.17
N THR A 127 23.29 24.22 -25.06
CA THR A 127 23.01 24.14 -26.50
C THR A 127 24.15 23.44 -27.27
N HIS A 128 24.09 23.46 -28.60
CA HIS A 128 24.95 22.62 -29.41
C HIS A 128 25.62 23.48 -30.48
N ALA A 129 26.95 23.61 -30.43
CA ALA A 129 27.63 24.31 -31.51
C ALA A 129 28.50 23.26 -32.17
N THR A 130 28.04 22.68 -33.27
CA THR A 130 28.86 21.73 -34.02
C THR A 130 29.12 22.29 -35.39
N SER A 131 30.37 22.34 -35.80
CA SER A 131 30.69 22.78 -37.14
C SER A 131 31.98 22.19 -37.65
N ASP A 132 32.16 22.26 -38.96
CA ASP A 132 33.32 21.68 -39.61
C ASP A 132 34.50 22.64 -39.59
N THR A 133 34.26 23.87 -39.12
CA THR A 133 35.34 24.84 -38.99
C THR A 133 35.33 25.57 -37.63
N MET A 134 36.46 26.14 -37.24
CA MET A 134 36.45 26.92 -36.00
C MET A 134 35.51 28.12 -36.14
N GLU A 135 35.60 28.83 -37.26
CA GLU A 135 34.71 29.99 -37.54
C GLU A 135 33.25 29.64 -37.30
N GLY A 136 32.82 28.52 -37.84
CA GLY A 136 31.44 28.15 -37.70
C GLY A 136 31.07 27.92 -36.26
N ILE A 137 32.04 27.47 -35.45
CA ILE A 137 31.77 27.23 -34.02
C ILE A 137 31.62 28.58 -33.33
N TYR A 138 32.50 29.53 -33.67
CA TYR A 138 32.44 30.88 -33.08
C TYR A 138 31.09 31.50 -33.34
N ASP A 139 30.62 31.40 -34.56
CA ASP A 139 29.34 31.95 -34.93
C ASP A 139 28.18 31.37 -34.13
N LEU A 140 28.17 30.07 -33.94
CA LEU A 140 27.11 29.45 -33.16
C LEU A 140 27.24 29.88 -31.72
N VAL A 141 28.45 29.83 -31.21
CA VAL A 141 28.69 30.16 -29.82
C VAL A 141 28.13 31.57 -29.54
N GLU A 142 28.45 32.51 -30.45
CA GLU A 142 28.03 33.88 -30.25
C GLU A 142 26.53 34.08 -30.27
N GLY A 143 25.84 33.34 -31.13
CA GLY A 143 24.39 33.46 -31.14
C GLY A 143 23.92 33.00 -29.76
N PHE A 144 24.46 31.88 -29.27
CA PHE A 144 23.99 31.32 -27.98
C PHE A 144 24.33 32.25 -26.81
N LEU A 145 25.53 32.83 -26.79
CA LEU A 145 25.88 33.79 -25.74
C LEU A 145 24.87 34.93 -25.69
N GLU A 146 24.49 35.46 -26.86
CA GLU A 146 23.57 36.59 -26.90
C GLU A 146 22.20 36.24 -26.32
N LYS A 147 21.79 34.96 -26.42
CA LYS A 147 20.56 34.49 -25.78
C LYS A 147 20.73 34.14 -24.28
N GLY A 148 21.91 34.31 -23.72
CA GLY A 148 22.01 34.10 -22.27
C GLY A 148 22.37 32.68 -21.84
N TYR A 149 22.57 31.78 -22.79
CA TYR A 149 23.15 30.44 -22.45
C TYR A 149 24.58 30.56 -21.90
N LYS A 150 24.89 29.71 -20.95
CA LYS A 150 26.15 29.72 -20.23
C LYS A 150 26.84 28.33 -20.36
N HIS A 151 26.22 27.39 -21.06
CA HIS A 151 26.85 26.11 -21.31
C HIS A 151 26.59 25.73 -22.75
N ILE A 152 27.63 25.29 -23.46
CA ILE A 152 27.49 24.91 -24.85
C ILE A 152 28.35 23.69 -25.14
N ARG A 153 27.73 22.74 -25.84
CA ARG A 153 28.44 21.57 -26.31
C ARG A 153 29.09 21.88 -27.64
N CYS A 154 30.41 21.74 -27.72
CA CYS A 154 31.12 22.16 -28.92
C CYS A 154 31.83 20.97 -29.55
N GLN A 155 31.53 20.71 -30.82
CA GLN A 155 32.14 19.64 -31.57
C GLN A 155 32.71 20.22 -32.85
N LEU A 156 34.00 19.97 -33.08
CA LEU A 156 34.63 20.31 -34.37
C LEU A 156 34.62 19.08 -35.24
N GLY A 157 33.73 19.03 -36.23
CA GLY A 157 33.43 17.82 -37.01
C GLY A 157 32.19 17.10 -36.45
N PHE A 158 31.20 16.87 -37.32
CA PHE A 158 29.88 16.29 -36.94
C PHE A 158 29.91 14.84 -36.41
N ASP A 179 43.81 10.29 -37.86
CA ASP A 179 42.36 10.02 -37.87
C ASP A 179 41.66 10.10 -36.49
N GLN A 180 41.92 9.13 -35.60
CA GLN A 180 41.65 9.37 -34.17
C GLN A 180 42.67 10.41 -33.71
N ASP A 181 43.88 10.37 -34.26
CA ASP A 181 44.90 11.33 -33.86
C ASP A 181 44.49 12.72 -34.28
N GLN A 182 44.03 12.84 -35.53
CA GLN A 182 43.58 14.12 -35.99
C GLN A 182 42.36 14.60 -35.20
N TYR A 183 41.43 13.70 -34.90
CA TYR A 183 40.30 14.10 -34.07
C TYR A 183 40.78 14.57 -32.66
N MET A 184 41.71 13.85 -32.05
CA MET A 184 42.18 14.31 -30.74
C MET A 184 42.85 15.67 -30.82
N ASP A 185 43.77 15.84 -31.80
CA ASP A 185 44.47 17.11 -31.95
C ASP A 185 43.53 18.27 -32.24
N ASN A 186 42.54 18.02 -33.08
CA ASN A 186 41.61 19.08 -33.47
C ASN A 186 40.76 19.46 -32.28
N THR A 187 40.35 18.45 -31.53
CA THR A 187 39.50 18.72 -30.39
C THR A 187 40.31 19.54 -29.36
N LEU A 188 41.59 19.21 -29.17
CA LEU A 188 42.35 19.92 -28.15
C LEU A 188 42.59 21.34 -28.64
N THR A 189 42.81 21.47 -29.95
CA THR A 189 42.90 22.78 -30.55
C THR A 189 41.59 23.59 -30.36
N MET A 190 40.43 22.99 -30.64
CA MET A 190 39.12 23.62 -30.34
C MET A 190 39.05 24.15 -28.88
N PHE A 191 39.33 23.28 -27.92
CA PHE A 191 39.27 23.68 -26.49
C PHE A 191 40.19 24.85 -26.23
N LYS A 192 41.44 24.69 -26.66
CA LYS A 192 42.41 25.76 -26.46
C LYS A 192 41.99 27.10 -27.13
N SER A 193 41.49 27.06 -28.37
CA SER A 193 41.05 28.30 -29.00
C SER A 193 39.86 28.93 -28.26
N LEU A 194 38.91 28.09 -27.81
CA LEU A 194 37.68 28.66 -27.21
C LEU A 194 38.00 29.34 -25.91
N ARG A 195 38.90 28.75 -25.12
CA ARG A 195 39.36 29.40 -23.90
C ARG A 195 40.06 30.71 -24.27
N GLU A 196 40.92 30.68 -25.28
CA GLU A 196 41.64 31.87 -25.73
C GLU A 196 40.65 32.95 -26.14
N LYS A 197 39.68 32.61 -26.96
CA LYS A 197 38.72 33.62 -27.42
C LYS A 197 37.74 34.07 -26.31
N TYR A 198 37.13 33.10 -25.60
CA TYR A 198 36.02 33.41 -24.70
C TYR A 198 36.32 33.25 -23.20
N GLY A 199 37.50 32.78 -22.82
CA GLY A 199 37.82 32.57 -21.43
C GLY A 199 36.77 31.72 -20.70
N ASN A 200 36.16 32.29 -19.66
CA ASN A 200 35.14 31.58 -18.90
C ASN A 200 33.78 32.12 -19.15
N GLN A 201 33.57 32.83 -20.25
CA GLN A 201 32.23 33.20 -20.59
C GLN A 201 31.20 32.04 -20.55
N PHE A 202 31.62 30.82 -20.87
CA PHE A 202 30.70 29.68 -20.78
C PHE A 202 31.42 28.39 -20.50
N HIS A 203 30.64 27.42 -20.04
CA HIS A 203 31.15 26.10 -19.79
C HIS A 203 31.11 25.31 -21.09
N ILE A 204 32.18 24.57 -21.37
CA ILE A 204 32.27 23.80 -22.61
C ILE A 204 32.08 22.34 -22.38
N LEU A 205 31.09 21.75 -23.03
CA LEU A 205 30.94 20.32 -22.99
C LEU A 205 31.38 19.73 -24.32
N HIS A 206 31.81 18.46 -24.29
CA HIS A 206 32.20 17.81 -25.50
C HIS A 206 31.94 16.28 -25.43
N ASP A 207 31.47 15.73 -26.54
CA ASP A 207 31.13 14.31 -26.58
C ASP A 207 32.16 13.60 -27.42
N VAL A 208 32.92 12.67 -26.83
CA VAL A 208 33.92 11.93 -27.58
C VAL A 208 33.23 10.82 -28.46
N HIS A 209 31.97 10.47 -28.17
CA HIS A 209 31.25 9.46 -28.97
C HIS A 209 31.99 8.15 -29.07
N GLU A 210 32.67 7.73 -28.05
CA GLU A 210 33.31 6.43 -28.14
C GLU A 210 34.32 6.29 -29.25
N ARG A 211 34.98 7.34 -29.69
CA ARG A 211 35.87 7.05 -30.81
C ARG A 211 37.36 6.72 -30.52
N LEU A 212 37.72 6.66 -29.23
CA LEU A 212 39.10 6.36 -28.83
C LEU A 212 39.24 4.99 -28.23
N PHE A 213 40.37 4.32 -28.49
CA PHE A 213 40.78 3.19 -27.67
C PHE A 213 41.13 3.68 -26.28
N PRO A 214 41.20 2.75 -25.30
CA PRO A 214 41.32 3.17 -23.89
C PRO A 214 42.62 3.92 -23.66
N ASN A 215 43.71 3.46 -24.27
CA ASN A 215 45.00 4.14 -24.07
C ASN A 215 44.91 5.59 -24.60
N GLN A 216 44.20 5.79 -25.71
CA GLN A 216 43.95 7.16 -26.24
C GLN A 216 43.04 8.01 -25.37
N ALA A 217 41.96 7.40 -24.86
CA ALA A 217 41.07 8.05 -23.92
C ALA A 217 41.82 8.63 -22.70
N ILE A 218 42.76 7.86 -22.19
CA ILE A 218 43.46 8.27 -20.94
C ILE A 218 44.40 9.45 -21.26
N GLN A 219 45.05 9.38 -22.40
CA GLN A 219 45.91 10.46 -22.81
C GLN A 219 45.09 11.72 -23.10
N PHE A 220 44.00 11.56 -23.85
CA PHE A 220 43.10 12.69 -24.10
C PHE A 220 42.60 13.35 -22.81
N ALA A 221 42.23 12.52 -21.84
CA ALA A 221 41.71 13.01 -20.56
C ALA A 221 42.74 13.88 -19.83
N LYS A 222 44.00 13.47 -19.88
CA LYS A 222 45.08 14.21 -19.27
C LYS A 222 45.38 15.52 -20.01
N GLU A 223 45.24 15.50 -21.33
CA GLU A 223 45.54 16.68 -22.12
C GLU A 223 44.43 17.70 -22.14
N VAL A 224 43.18 17.25 -22.02
CA VAL A 224 42.05 18.14 -22.05
C VAL A 224 41.79 18.75 -20.68
N GLU A 225 42.29 18.09 -19.64
CA GLU A 225 42.14 18.55 -18.23
C GLU A 225 42.30 20.07 -18.05
N GLN A 226 43.44 20.60 -18.51
CA GLN A 226 43.72 22.03 -18.34
C GLN A 226 42.58 22.92 -18.88
N TYR A 227 41.78 22.45 -19.83
CA TYR A 227 40.76 23.33 -20.36
C TYR A 227 39.48 23.26 -19.54
N LYS A 228 39.45 22.42 -18.52
CA LYS A 228 38.34 22.45 -17.59
C LYS A 228 36.99 22.27 -18.26
N PRO A 229 36.86 21.19 -19.04
CA PRO A 229 35.55 21.02 -19.62
C PRO A 229 34.49 20.79 -18.55
N TYR A 230 33.25 21.18 -18.83
CA TYR A 230 32.12 20.92 -17.92
C TYR A 230 31.91 19.39 -17.71
N PHE A 231 31.93 18.65 -18.83
CA PHE A 231 32.21 17.23 -18.79
C PHE A 231 32.61 16.81 -20.16
N ILE A 232 33.29 15.68 -20.22
CA ILE A 232 33.61 15.01 -21.48
C ILE A 232 32.75 13.76 -21.47
N GLU A 233 31.98 13.61 -22.53
CA GLU A 233 31.03 12.51 -22.60
C GLU A 233 31.52 11.33 -23.43
N ASP A 234 31.08 10.15 -23.09
CA ASP A 234 31.43 8.92 -23.85
C ASP A 234 32.93 8.78 -24.22
N ILE A 235 33.79 8.90 -23.23
CA ILE A 235 35.22 9.02 -23.45
C ILE A 235 35.82 7.67 -23.75
N LEU A 236 35.14 6.63 -23.32
CA LEU A 236 35.57 5.26 -23.63
C LEU A 236 34.50 4.48 -24.42
N PRO A 237 34.94 3.50 -25.23
CA PRO A 237 33.93 2.52 -25.68
C PRO A 237 33.14 1.94 -24.51
N PRO A 238 31.92 1.46 -24.80
CA PRO A 238 31.04 0.97 -23.72
C PRO A 238 31.54 -0.44 -23.45
N ASN A 239 31.24 -1.02 -22.32
CA ASN A 239 31.99 -2.28 -22.06
C ASN A 239 33.53 -2.14 -21.89
N GLN A 240 34.06 -0.91 -21.91
CA GLN A 240 35.43 -0.65 -21.42
C GLN A 240 35.43 0.24 -20.18
N THR A 241 34.36 0.19 -19.38
CA THR A 241 34.22 1.13 -18.30
C THR A 241 35.22 0.85 -17.19
N GLU A 242 35.77 -0.34 -17.17
CA GLU A 242 36.81 -0.72 -16.20
C GLU A 242 38.06 0.22 -16.31
N TRP A 243 38.32 0.75 -17.48
CA TRP A 243 39.40 1.67 -17.72
C TRP A 243 39.14 3.04 -17.10
N LEU A 244 37.94 3.32 -16.64
CA LEU A 244 37.70 4.54 -15.91
C LEU A 244 38.59 4.70 -14.68
N ASP A 245 38.97 3.61 -13.99
CA ASP A 245 39.82 3.76 -12.80
C ASP A 245 41.18 4.26 -13.21
N ASN A 246 41.63 3.81 -14.37
CA ASN A 246 42.90 4.30 -14.96
C ASN A 246 42.84 5.80 -15.17
N ILE A 247 41.78 6.29 -15.75
CA ILE A 247 41.64 7.73 -15.95
C ILE A 247 41.55 8.52 -14.66
N ARG A 248 40.60 8.16 -13.81
CA ARG A 248 40.34 8.89 -12.58
C ARG A 248 41.49 8.84 -11.58
N SER A 249 42.44 7.95 -11.77
CA SER A 249 43.61 7.98 -10.90
C SER A 249 44.64 9.08 -11.33
N GLN A 250 44.49 9.65 -12.52
CA GLN A 250 45.52 10.51 -13.08
C GLN A 250 44.97 11.87 -13.50
N SER A 251 43.67 11.95 -13.76
CA SER A 251 43.07 13.15 -14.27
C SER A 251 41.83 13.54 -13.49
N SER A 252 41.61 14.83 -13.30
CA SER A 252 40.40 15.34 -12.66
C SER A 252 39.36 15.74 -13.67
N VAL A 253 39.56 15.44 -14.95
CA VAL A 253 38.55 15.79 -15.94
C VAL A 253 37.17 15.24 -15.48
N SER A 254 36.13 16.07 -15.56
CA SER A 254 34.75 15.62 -15.30
C SER A 254 34.19 14.74 -16.43
N LEU A 255 33.48 13.68 -16.05
CA LEU A 255 33.10 12.65 -17.06
C LEU A 255 31.63 12.41 -17.06
N GLY A 256 31.07 12.29 -18.25
CA GLY A 256 29.64 11.94 -18.32
C GLY A 256 29.47 10.64 -19.10
N LEU A 257 28.59 9.74 -18.65
CA LEU A 257 28.28 8.55 -19.45
C LEU A 257 26.84 8.23 -19.22
N GLY A 258 26.29 7.33 -20.05
CA GLY A 258 24.97 6.76 -19.82
C GLY A 258 24.00 6.92 -21.02
N GLU A 259 24.39 7.67 -22.04
CA GLU A 259 23.41 8.11 -23.03
C GLU A 259 22.74 6.90 -23.70
N LEU A 260 23.51 5.83 -23.79
CA LEU A 260 23.09 4.65 -24.48
C LEU A 260 22.46 3.67 -23.51
N PHE A 261 22.51 3.92 -22.21
CA PHE A 261 22.07 2.86 -21.25
C PHE A 261 20.59 2.53 -21.39
N ASN A 262 20.26 1.24 -21.30
CA ASN A 262 18.89 0.79 -21.10
C ASN A 262 18.77 -0.21 -19.98
N ASN A 263 19.84 -0.46 -19.23
CA ASN A 263 19.94 -1.65 -18.33
C ASN A 263 20.64 -1.21 -17.04
N PRO A 264 20.05 -1.50 -15.86
CA PRO A 264 20.71 -1.09 -14.59
C PRO A 264 22.15 -1.59 -14.45
N GLU A 265 22.49 -2.73 -15.04
CA GLU A 265 23.84 -3.23 -14.89
C GLU A 265 24.82 -2.25 -15.46
N GLU A 266 24.34 -1.38 -16.37
CA GLU A 266 25.23 -0.41 -16.99
C GLU A 266 25.55 0.77 -16.08
N TRP A 267 24.67 1.06 -15.12
CA TRP A 267 24.95 2.28 -14.30
C TRP A 267 25.30 1.99 -12.84
N LYS A 268 24.88 0.85 -12.33
CA LYS A 268 24.97 0.58 -10.88
C LYS A 268 26.40 0.64 -10.31
N SER A 269 27.33 -0.10 -10.90
CA SER A 269 28.71 -0.15 -10.41
C SER A 269 29.47 1.13 -10.75
N LEU A 270 29.09 1.81 -11.79
CA LEU A 270 29.76 3.04 -12.20
C LEU A 270 29.48 4.15 -11.17
N ILE A 271 28.19 4.27 -10.83
CA ILE A 271 27.77 5.17 -9.81
C ILE A 271 28.31 4.80 -8.44
N ALA A 272 28.12 3.55 -8.03
CA ALA A 272 28.56 3.11 -6.71
C ALA A 272 30.05 3.32 -6.53
N ASN A 273 30.80 3.18 -7.62
CA ASN A 273 32.23 3.43 -7.54
C ASN A 273 32.70 4.80 -7.99
N ARG A 274 31.79 5.75 -8.14
CA ARG A 274 32.26 7.14 -8.39
C ARG A 274 33.10 7.27 -9.66
N ARG A 275 32.74 6.50 -10.68
CA ARG A 275 33.53 6.50 -11.92
C ARG A 275 33.08 7.50 -12.93
N ILE A 276 31.96 8.16 -12.66
CA ILE A 276 31.50 9.30 -13.43
C ILE A 276 31.04 10.47 -12.56
N ASP A 277 30.84 11.60 -13.20
CA ASP A 277 30.44 12.81 -12.54
C ASP A 277 29.04 13.22 -12.96
N PHE A 278 28.62 12.86 -14.18
CA PHE A 278 27.28 13.16 -14.66
C PHE A 278 26.69 11.91 -15.32
N ILE A 279 25.47 11.52 -14.90
CA ILE A 279 24.77 10.42 -15.52
C ILE A 279 23.98 11.05 -16.65
N ARG A 280 23.93 10.40 -17.82
CA ARG A 280 23.44 11.03 -19.05
C ARG A 280 22.44 10.16 -19.72
N CYS A 281 21.80 9.29 -18.95
CA CYS A 281 20.75 8.44 -19.52
C CYS A 281 19.63 9.27 -20.12
N HIS A 282 18.89 8.67 -21.05
CA HIS A 282 17.64 9.17 -21.53
C HIS A 282 16.54 8.52 -20.69
N VAL A 283 15.66 9.36 -20.18
CA VAL A 283 14.61 8.86 -19.36
C VAL A 283 13.79 7.77 -20.08
N SER A 284 13.50 7.93 -21.37
CA SER A 284 12.80 6.89 -22.10
C SER A 284 13.58 5.59 -22.26
N GLN A 285 14.90 5.64 -22.42
CA GLN A 285 15.63 4.41 -22.66
C GLN A 285 15.68 3.53 -21.39
N ILE A 286 15.54 4.15 -20.23
CA ILE A 286 15.62 3.39 -18.99
C ILE A 286 14.25 3.06 -18.45
N GLY A 287 13.20 3.52 -19.11
CA GLY A 287 11.88 3.00 -18.71
C GLY A 287 10.96 4.02 -18.05
N GLY A 288 11.39 5.29 -18.00
CA GLY A 288 10.44 6.33 -17.66
C GLY A 288 10.73 7.03 -16.33
N ILE A 289 9.73 7.74 -15.83
CA ILE A 289 9.87 8.50 -14.62
C ILE A 289 10.16 7.57 -13.43
N THR A 290 9.49 6.43 -13.38
CA THR A 290 9.57 5.59 -12.20
C THR A 290 11.02 5.21 -11.94
N PRO A 291 11.74 4.63 -12.94
CA PRO A 291 13.17 4.38 -12.71
C PRO A 291 14.02 5.64 -12.61
N ALA A 292 13.65 6.73 -13.27
CA ALA A 292 14.46 7.96 -13.23
C ALA A 292 14.55 8.60 -11.82
N LEU A 293 13.43 8.64 -11.10
CA LEU A 293 13.45 9.14 -9.73
C LEU A 293 14.36 8.34 -8.81
N LYS A 294 14.28 7.00 -8.90
CA LYS A 294 15.18 6.17 -8.13
C LYS A 294 16.66 6.35 -8.47
N LEU A 295 17.00 6.35 -9.76
CA LEU A 295 18.36 6.58 -10.21
C LEU A 295 18.82 7.97 -9.75
N GLY A 296 17.96 8.99 -9.91
CA GLY A 296 18.20 10.30 -9.33
C GLY A 296 18.52 10.24 -7.83
N HIS A 297 17.73 9.52 -7.01
CA HIS A 297 18.10 9.38 -5.60
C HIS A 297 19.47 8.66 -5.46
N LEU A 298 19.75 7.67 -6.31
CA LEU A 298 21.02 6.92 -6.17
C LEU A 298 22.16 7.89 -6.44
N CYS A 299 21.99 8.75 -7.45
CA CYS A 299 23.04 9.73 -7.82
C CYS A 299 23.35 10.69 -6.63
N GLN A 300 22.32 11.14 -5.95
CA GLN A 300 22.57 12.00 -4.82
C GLN A 300 23.34 11.27 -3.73
N ASN A 301 22.96 10.01 -3.46
CA ASN A 301 23.71 9.22 -2.46
C ASN A 301 25.22 9.20 -2.76
N PHE A 302 25.56 9.10 -4.04
CA PHE A 302 26.90 8.81 -4.46
C PHE A 302 27.66 10.02 -4.96
N GLY A 303 26.97 11.15 -5.08
CA GLY A 303 27.68 12.39 -5.38
C GLY A 303 27.84 12.61 -6.86
N VAL A 304 26.94 12.02 -7.63
CA VAL A 304 26.94 12.10 -9.08
C VAL A 304 25.85 13.08 -9.48
N ARG A 305 26.11 13.91 -10.48
CA ARG A 305 25.11 14.88 -10.94
C ARG A 305 24.27 14.39 -12.07
N ILE A 306 23.16 15.06 -12.37
CA ILE A 306 22.23 14.46 -13.31
C ILE A 306 22.12 15.32 -14.54
N ALA A 307 22.25 14.73 -15.72
CA ALA A 307 22.13 15.56 -16.91
C ALA A 307 21.48 14.69 -17.98
N TRP A 308 20.18 14.45 -17.83
CA TRP A 308 19.48 13.57 -18.77
C TRP A 308 19.55 14.05 -20.22
N HIS A 309 19.70 13.14 -21.17
CA HIS A 309 19.61 13.55 -22.59
C HIS A 309 18.23 13.98 -23.02
N CYS A 310 18.21 15.03 -23.85
CA CYS A 310 16.98 15.46 -24.52
C CYS A 310 17.27 15.54 -26.02
N PRO A 311 17.13 14.43 -26.75
CA PRO A 311 17.67 14.42 -28.10
C PRO A 311 16.73 15.21 -29.02
N PRO A 312 17.17 15.54 -30.26
CA PRO A 312 16.34 16.47 -30.99
C PRO A 312 15.02 15.83 -31.39
N ASP A 313 14.89 14.51 -31.28
CA ASP A 313 13.59 13.88 -31.56
C ASP A 313 12.65 13.78 -30.35
N MET A 314 13.05 14.38 -29.23
CA MET A 314 12.23 14.39 -28.04
C MET A 314 11.12 15.36 -28.33
N THR A 315 9.89 15.06 -27.88
CA THR A 315 8.82 16.02 -28.04
C THR A 315 8.79 16.89 -26.82
N PRO A 316 8.10 18.03 -26.92
CA PRO A 316 7.92 18.97 -25.83
C PRO A 316 7.31 18.30 -24.62
N ILE A 317 6.67 17.15 -24.82
CA ILE A 317 6.06 16.42 -23.70
C ILE A 317 7.16 15.72 -22.91
N GLY A 318 8.17 15.21 -23.60
CA GLY A 318 9.32 14.56 -22.94
C GLY A 318 10.15 15.62 -22.28
N ALA A 319 10.29 16.78 -22.94
CA ALA A 319 11.12 17.85 -22.40
C ALA A 319 10.49 18.36 -21.09
N ALA A 320 9.18 18.52 -21.11
CA ALA A 320 8.43 18.99 -19.93
C ALA A 320 8.60 18.09 -18.75
N VAL A 321 8.51 16.79 -19.00
CA VAL A 321 8.83 15.81 -17.97
C VAL A 321 10.23 15.99 -17.42
N ASN A 322 11.20 16.17 -18.31
CA ASN A 322 12.59 16.33 -17.82
C ASN A 322 12.75 17.59 -16.95
N THR A 323 12.09 18.67 -17.38
CA THR A 323 12.14 19.89 -16.58
C THR A 323 11.50 19.67 -15.20
N HIS A 324 10.34 19.03 -15.11
CA HIS A 324 9.77 18.65 -13.79
C HIS A 324 10.76 17.82 -12.93
N LEU A 325 11.45 16.91 -13.59
CA LEU A 325 12.42 16.09 -12.87
C LEU A 325 13.61 16.95 -12.47
N ASN A 326 13.98 17.87 -13.36
CA ASN A 326 15.14 18.74 -13.12
C ASN A 326 14.95 19.83 -12.03
N VAL A 327 13.75 20.34 -11.83
CA VAL A 327 13.56 21.32 -10.75
C VAL A 327 13.32 20.59 -9.43
N HIS A 328 12.81 19.37 -9.53
CA HIS A 328 12.63 18.53 -8.34
C HIS A 328 13.91 17.85 -7.81
N LEU A 329 14.60 17.07 -8.63
CA LEU A 329 15.67 16.20 -8.06
C LEU A 329 16.86 17.03 -7.59
N HIS A 330 17.23 16.84 -6.34
CA HIS A 330 18.36 17.61 -5.77
C HIS A 330 19.60 17.67 -6.67
N ASN A 331 20.02 16.55 -7.25
CA ASN A 331 21.28 16.54 -7.99
C ASN A 331 21.15 16.87 -9.47
N ALA A 332 19.98 17.30 -9.92
CA ALA A 332 19.83 17.65 -11.34
C ALA A 332 20.71 18.84 -11.63
N ALA A 333 21.43 18.79 -12.74
CA ALA A 333 22.41 19.88 -13.03
C ALA A 333 22.03 20.73 -14.23
N ILE A 334 21.61 20.11 -15.33
CA ILE A 334 21.50 20.85 -16.57
C ILE A 334 20.55 20.09 -17.48
N GLN A 335 19.87 20.83 -18.35
CA GLN A 335 19.01 20.22 -19.33
C GLN A 335 19.47 20.61 -20.70
N GLU A 336 19.24 19.71 -21.66
CA GLU A 336 19.77 19.82 -23.00
C GLU A 336 18.70 20.48 -23.82
N HIS A 337 19.12 21.40 -24.68
CA HIS A 337 18.23 22.21 -25.50
C HIS A 337 17.59 21.41 -26.60
N VAL A 338 16.27 21.51 -26.76
CA VAL A 338 15.64 21.03 -28.01
C VAL A 338 14.97 22.15 -28.77
N GLU A 339 15.50 22.46 -29.93
CA GLU A 339 14.85 23.37 -30.90
C GLU A 339 13.51 22.85 -31.38
N TYR A 340 12.49 23.68 -31.23
CA TYR A 340 11.16 23.34 -31.74
C TYR A 340 10.79 24.33 -32.82
N ASN A 341 10.41 23.81 -33.98
CA ASN A 341 10.00 24.58 -35.13
C ASN A 341 8.56 25.00 -34.88
N GLY A 342 8.03 25.86 -35.74
CA GLY A 342 6.65 26.25 -35.57
C GLY A 342 5.60 25.12 -35.67
N ASN A 343 5.86 24.15 -36.55
CA ASN A 343 4.97 22.97 -36.68
C ASN A 343 4.99 22.14 -35.35
N THR A 344 6.16 21.88 -34.80
CA THR A 344 6.19 21.22 -33.48
C THR A 344 5.41 22.01 -32.38
N HIS A 345 5.52 23.33 -32.40
CA HIS A 345 4.79 24.12 -31.44
C HIS A 345 3.30 23.98 -31.60
N LYS A 346 2.84 23.94 -32.85
CA LYS A 346 1.41 23.72 -33.12
C LYS A 346 0.95 22.32 -32.70
N VAL A 347 1.76 21.33 -33.04
CA VAL A 347 1.47 19.96 -32.66
C VAL A 347 1.45 19.75 -31.12
N PHE A 348 2.23 20.55 -30.38
CA PHE A 348 2.45 20.32 -28.94
C PHE A 348 2.48 21.67 -28.28
N PRO A 349 1.29 22.24 -27.99
CA PRO A 349 1.12 23.63 -27.56
C PRO A 349 1.65 23.85 -26.15
N ASN A 350 1.98 25.11 -25.83
CA ASN A 350 2.54 25.52 -24.54
C ASN A 350 3.89 24.87 -24.15
N ALA A 351 4.69 24.47 -25.13
CA ALA A 351 6.05 23.99 -24.90
C ALA A 351 6.93 25.13 -24.41
N ALA A 352 7.53 24.96 -23.23
CA ALA A 352 8.41 25.98 -22.65
C ALA A 352 9.69 26.13 -23.44
N GLU A 353 10.16 27.37 -23.50
CA GLU A 353 11.45 27.65 -24.10
C GLU A 353 12.42 28.24 -23.10
N PRO A 354 13.72 28.04 -23.36
CA PRO A 354 14.67 28.54 -22.40
C PRO A 354 14.49 30.03 -22.27
N ILE A 355 14.81 30.56 -21.09
CA ILE A 355 14.65 31.96 -20.84
C ILE A 355 15.94 32.35 -20.16
N ASN A 356 16.80 33.06 -20.86
CA ASN A 356 18.07 33.42 -20.30
C ASN A 356 18.85 32.23 -19.81
N GLY A 357 18.81 31.14 -20.57
CA GLY A 357 19.64 29.98 -20.29
C GLY A 357 19.04 29.04 -19.28
N TYR A 358 17.77 29.29 -18.95
CA TYR A 358 17.03 28.42 -18.01
C TYR A 358 15.71 27.94 -18.57
N LEU A 359 15.37 26.71 -18.21
CA LEU A 359 14.03 26.19 -18.45
C LEU A 359 13.24 26.14 -17.14
N TYR A 360 12.01 26.62 -17.18
CA TYR A 360 11.08 26.57 -16.02
C TYR A 360 10.05 25.43 -16.15
N ALA A 361 9.70 24.78 -15.05
CA ALA A 361 8.65 23.76 -15.10
C ALA A 361 7.31 24.42 -15.32
N SER A 362 6.47 23.72 -16.07
CA SER A 362 5.06 24.05 -16.21
C SER A 362 4.38 24.07 -14.82
N GLU A 363 3.43 24.97 -14.64
CA GLU A 363 2.77 25.11 -13.33
C GLU A 363 1.31 24.74 -13.33
N ILE A 364 0.78 24.22 -14.42
CA ILE A 364 -0.61 23.74 -14.41
C ILE A 364 -0.61 22.28 -14.00
N ALA A 365 -1.79 21.67 -13.86
CA ALA A 365 -1.92 20.29 -13.44
C ALA A 365 -1.33 19.31 -14.45
N GLY A 366 -0.66 18.28 -13.95
CA GLY A 366 -0.18 17.24 -14.87
C GLY A 366 1.21 17.59 -15.38
N ILE A 367 1.58 17.02 -16.52
CA ILE A 367 2.82 17.35 -17.21
C ILE A 367 2.77 18.79 -17.73
N GLY A 368 1.63 19.24 -18.23
CA GLY A 368 1.51 20.61 -18.74
C GLY A 368 1.59 20.71 -20.26
N VAL A 369 1.86 19.60 -20.93
CA VAL A 369 1.92 19.62 -22.36
C VAL A 369 1.22 18.37 -22.86
N GLU A 370 0.40 18.58 -23.88
CA GLU A 370 -0.31 17.50 -24.54
C GLU A 370 -0.02 17.53 -26.04
N ILE A 371 -0.72 16.70 -26.80
CA ILE A 371 -0.56 16.67 -28.24
C ILE A 371 -1.88 17.07 -28.80
N ASP A 372 -1.86 17.91 -29.83
CA ASP A 372 -3.09 18.27 -30.53
C ASP A 372 -3.19 17.30 -31.69
N ARG A 373 -4.13 16.35 -31.65
CA ARG A 373 -4.07 15.24 -32.65
C ARG A 373 -4.35 15.64 -34.13
N GLU A 374 -5.34 16.50 -34.38
CA GLU A 374 -5.50 16.91 -35.78
C GLU A 374 -4.18 17.49 -36.27
N ALA A 375 -3.69 18.45 -35.49
CA ALA A 375 -2.43 19.08 -35.79
C ALA A 375 -1.43 18.00 -36.17
N ALA A 376 -1.39 16.90 -35.42
CA ALA A 376 -0.33 15.90 -35.64
C ALA A 376 -0.58 15.08 -36.92
N ALA A 377 -1.86 14.93 -37.26
CA ALA A 377 -2.28 14.29 -38.50
C ALA A 377 -1.76 15.00 -39.77
N GLU A 378 -1.61 16.33 -39.70
CA GLU A 378 -1.10 17.05 -40.85
C GLU A 378 0.32 16.59 -41.09
N PHE A 379 0.89 15.82 -40.16
CA PHE A 379 2.32 15.53 -40.25
C PHE A 379 2.69 14.05 -40.16
N PRO A 380 1.98 13.18 -40.88
CA PRO A 380 2.39 11.80 -40.86
C PRO A 380 3.82 11.64 -41.35
N SER B 2 -2.08 23.76 -11.07
CA SER B 2 -3.13 24.65 -10.49
C SER B 2 -3.30 24.38 -8.99
N LEU B 3 -2.20 24.04 -8.36
CA LEU B 3 -2.07 24.09 -6.92
C LEU B 3 -1.49 25.48 -6.70
N LYS B 4 -1.85 26.18 -5.63
CA LYS B 4 -1.18 27.48 -5.38
C LYS B 4 -0.33 27.38 -4.13
N GLU B 5 0.46 28.42 -3.86
CA GLU B 5 1.31 28.41 -2.68
C GLU B 5 0.46 27.90 -1.51
N THR B 6 1.08 27.18 -0.56
CA THR B 6 0.42 26.79 0.69
C THR B 6 1.20 27.35 1.85
N ILE B 7 0.68 28.43 2.44
CA ILE B 7 1.45 29.19 3.42
C ILE B 7 1.33 28.64 4.82
N ILE B 8 2.46 28.32 5.47
CA ILE B 8 2.43 27.86 6.87
C ILE B 8 2.05 29.00 7.82
N SER B 9 1.11 28.73 8.70
CA SER B 9 0.55 29.81 9.53
C SER B 9 0.82 29.61 11.01
N ASP B 10 1.04 28.35 11.42
CA ASP B 10 1.34 28.04 12.81
C ASP B 10 1.90 26.64 12.94
N ILE B 11 2.63 26.38 14.01
CA ILE B 11 3.07 25.02 14.23
C ILE B 11 2.99 24.75 15.75
N HIS B 12 2.52 23.55 16.11
CA HIS B 12 2.40 23.13 17.53
C HIS B 12 3.03 21.76 17.79
N CYS B 13 3.39 21.48 19.02
CA CYS B 13 3.96 20.20 19.41
C CYS B 13 3.22 19.72 20.67
N ILE B 14 2.46 18.63 20.56
CA ILE B 14 1.65 18.16 21.68
C ILE B 14 2.27 16.92 22.27
N ILE B 15 2.59 16.96 23.57
CA ILE B 15 2.96 15.73 24.29
C ILE B 15 1.76 15.15 25.08
N THR B 16 1.50 13.86 24.90
CA THR B 16 0.37 13.17 25.56
C THR B 16 0.75 11.80 26.11
N LYS B 17 0.06 11.39 27.17
CA LYS B 17 0.38 10.16 27.85
C LYS B 17 -0.88 9.35 28.15
N PRO B 18 -1.53 8.88 27.09
CA PRO B 18 -2.78 8.12 27.23
C PRO B 18 -2.52 6.72 27.74
N ASP B 19 -1.28 6.27 27.72
CA ASP B 19 -0.96 4.94 28.19
C ASP B 19 0.33 5.06 28.97
N ARG B 20 1.36 4.31 28.62
CA ARG B 20 2.57 4.32 29.43
C ARG B 20 3.68 5.29 28.94
N HIS B 21 3.57 5.74 27.70
CA HIS B 21 4.63 6.49 27.05
C HIS B 21 4.23 7.94 26.69
N ASN B 22 5.25 8.80 26.66
CA ASN B 22 5.12 10.14 26.13
C ASN B 22 5.01 10.09 24.62
N LEU B 23 3.91 10.61 24.08
CA LEU B 23 3.67 10.54 22.63
C LEU B 23 3.74 11.95 22.07
N ILE B 24 4.59 12.16 21.08
CA ILE B 24 4.78 13.52 20.61
C ILE B 24 4.13 13.71 19.23
N THR B 25 3.24 14.69 19.11
CA THR B 25 2.60 15.03 17.84
C THR B 25 2.95 16.45 17.39
N VAL B 26 3.33 16.63 16.13
CA VAL B 26 3.55 17.97 15.56
C VAL B 26 2.37 18.34 14.63
N VAL B 27 1.85 19.53 14.80
CA VAL B 27 0.77 20.02 13.97
C VAL B 27 1.26 21.19 13.13
N VAL B 28 1.04 21.12 11.83
CA VAL B 28 1.31 22.25 10.95
C VAL B 28 -0.01 22.76 10.34
N GLU B 29 -0.30 24.03 10.56
CA GLU B 29 -1.49 24.69 10.05
C GLU B 29 -1.14 25.63 8.91
N THR B 30 -2.10 25.85 8.02
CA THR B 30 -1.83 26.68 6.84
C THR B 30 -2.98 27.66 6.57
N ASN B 31 -2.66 28.77 5.90
CA ASN B 31 -3.66 29.84 5.69
C ASN B 31 -4.93 29.29 5.11
N GLU B 32 -4.80 28.33 4.20
CA GLU B 32 -5.95 27.70 3.57
C GLU B 32 -6.78 26.77 4.49
N GLY B 33 -6.35 26.53 5.73
CA GLY B 33 -7.08 25.61 6.62
C GLY B 33 -6.81 24.12 6.42
N VAL B 34 -5.78 23.79 5.65
CA VAL B 34 -5.37 22.39 5.51
C VAL B 34 -4.31 22.11 6.56
N THR B 35 -4.59 21.17 7.46
CA THR B 35 -3.70 20.93 8.60
C THR B 35 -2.99 19.61 8.43
N GLY B 36 -1.67 19.63 8.69
CA GLY B 36 -0.90 18.40 8.59
C GLY B 36 -0.48 17.93 9.99
N PHE B 37 -0.33 16.62 10.15
CA PHE B 37 0.13 16.10 11.43
C PHE B 37 1.35 15.22 11.26
N GLY B 38 2.25 15.22 12.22
CA GLY B 38 3.39 14.33 12.16
C GLY B 38 3.78 13.78 13.53
N CYS B 39 4.71 12.83 13.52
CA CYS B 39 5.10 12.15 14.75
C CYS B 39 6.58 12.41 15.08
N ALA B 40 6.88 12.68 16.35
CA ALA B 40 8.28 12.52 16.81
C ALA B 40 8.31 11.41 17.86
N THR B 41 9.41 10.68 17.99
CA THR B 41 9.50 9.74 19.11
C THR B 41 10.81 9.85 19.85
N PHE B 42 10.76 10.38 21.05
CA PHE B 42 11.91 10.40 21.92
C PHE B 42 11.40 10.21 23.33
N GLN B 43 11.07 8.96 23.65
CA GLN B 43 10.45 8.57 24.92
C GLN B 43 11.28 9.10 26.10
N GLN B 44 12.60 8.93 26.01
CA GLN B 44 13.52 9.28 27.09
C GLN B 44 13.66 10.80 27.23
N ARG B 45 13.43 11.55 26.15
CA ARG B 45 13.68 13.01 26.10
C ARG B 45 12.57 13.90 25.44
N PRO B 46 11.28 13.70 25.81
CA PRO B 46 10.13 14.37 25.12
C PRO B 46 10.16 15.91 25.11
N LEU B 47 10.60 16.50 26.20
CA LEU B 47 10.69 17.97 26.36
C LEU B 47 11.80 18.61 25.46
N ALA B 48 12.90 17.87 25.28
CA ALA B 48 13.96 18.32 24.37
C ALA B 48 13.38 18.51 22.97
N VAL B 49 12.54 17.58 22.53
CA VAL B 49 11.95 17.68 21.17
C VAL B 49 10.99 18.89 20.99
N LYS B 50 10.19 19.13 22.00
CA LYS B 50 9.11 20.11 21.93
C LYS B 50 9.66 21.54 21.98
N THR B 51 10.69 21.71 22.79
CA THR B 51 11.51 22.94 22.81
C THR B 51 12.15 23.17 21.44
N MET B 52 12.71 22.11 20.85
CA MET B 52 13.34 22.24 19.52
C MET B 52 12.30 22.77 18.51
N VAL B 53 11.08 22.21 18.52
CA VAL B 53 10.03 22.60 17.56
C VAL B 53 9.55 24.02 17.82
N ASP B 54 9.19 24.27 19.08
CA ASP B 54 8.63 25.53 19.51
C ASP B 54 9.54 26.74 19.37
N GLU B 55 10.79 26.62 19.80
CA GLU B 55 11.65 27.82 19.78
C GLU B 55 12.53 27.97 18.54
N TYR B 56 12.87 26.86 17.88
CA TYR B 56 13.73 26.95 16.75
C TYR B 56 13.09 26.59 15.42
N LEU B 57 12.30 25.50 15.33
CA LEU B 57 11.65 25.22 14.05
C LEU B 57 10.57 26.25 13.73
N LYS B 58 9.72 26.57 14.69
CA LYS B 58 8.52 27.33 14.33
C LYS B 58 8.89 28.64 13.60
N PRO B 59 9.81 29.43 14.18
CA PRO B 59 10.21 30.73 13.63
C PRO B 59 10.75 30.66 12.22
N ILE B 60 11.40 29.56 11.79
CA ILE B 60 11.97 29.54 10.44
C ILE B 60 11.03 28.89 9.43
N LEU B 61 9.79 28.70 9.84
CA LEU B 61 8.77 27.97 9.07
C LEU B 61 7.50 28.81 8.78
N ILE B 62 7.12 29.69 9.71
CA ILE B 62 5.93 30.52 9.46
C ILE B 62 6.07 31.37 8.21
N GLY B 63 5.04 31.39 7.39
CA GLY B 63 5.03 32.24 6.23
C GLY B 63 5.64 31.52 5.05
N LYS B 64 6.20 30.31 5.31
CA LYS B 64 6.93 29.54 4.28
C LYS B 64 5.93 28.77 3.39
N ASN B 65 6.31 28.46 2.15
CA ASN B 65 5.47 27.66 1.25
C ASN B 65 5.64 26.12 1.50
N ALA B 66 4.65 25.52 2.13
CA ALA B 66 4.68 24.09 2.43
C ALA B 66 4.81 23.15 1.24
N ASN B 67 4.42 23.59 0.03
CA ASN B 67 4.37 22.67 -1.11
C ASN B 67 5.75 22.13 -1.44
N ASN B 68 6.76 22.95 -1.16
CA ASN B 68 8.13 22.56 -1.48
C ASN B 68 8.81 21.80 -0.39
N ILE B 69 8.38 20.55 -0.19
CA ILE B 69 8.75 19.80 1.02
C ILE B 69 10.24 19.62 1.12
N GLU B 70 10.88 19.25 0.01
CA GLU B 70 12.31 18.88 0.10
C GLU B 70 13.17 20.12 0.33
N ASP B 71 12.83 21.18 -0.35
CA ASP B 71 13.48 22.43 -0.04
C ASP B 71 13.42 22.79 1.46
N LEU B 72 12.25 22.69 2.08
CA LEU B 72 12.11 22.97 3.50
C LEU B 72 12.87 21.97 4.38
N TRP B 73 12.85 20.70 3.99
CA TRP B 73 13.55 19.66 4.71
C TRP B 73 15.05 20.05 4.81
N GLN B 74 15.62 20.41 3.68
CA GLN B 74 17.03 20.71 3.51
C GLN B 74 17.40 21.97 4.31
N MET B 75 16.54 22.97 4.25
CA MET B 75 16.77 24.12 5.09
C MET B 75 16.71 23.84 6.62
N MET B 76 15.74 23.03 7.05
CA MET B 76 15.66 22.70 8.48
C MET B 76 16.94 21.94 8.87
N MET B 77 17.34 20.98 8.04
CA MET B 77 18.42 20.08 8.45
C MET B 77 19.75 20.77 8.65
N VAL B 78 19.95 21.94 8.07
CA VAL B 78 21.30 22.54 8.10
C VAL B 78 21.25 23.78 8.96
N ASN B 79 20.06 24.06 9.49
CA ASN B 79 19.81 25.35 10.11
C ASN B 79 20.57 25.58 11.41
N ALA B 80 20.97 24.50 12.10
CA ALA B 80 21.69 24.64 13.38
C ALA B 80 23.21 24.66 13.12
N TYR B 81 23.60 24.68 11.85
CA TYR B 81 24.96 24.40 11.39
C TYR B 81 25.42 22.96 11.72
N TRP B 82 25.62 22.66 13.00
CA TRP B 82 25.74 21.27 13.42
C TRP B 82 24.40 20.56 13.20
N ARG B 83 24.45 19.25 12.96
CA ARG B 83 23.34 18.49 12.39
C ARG B 83 23.42 17.00 12.75
N ASN B 84 22.37 16.25 12.40
CA ASN B 84 22.32 14.78 12.64
C ASN B 84 22.45 14.38 14.11
N GLY B 85 21.33 14.25 14.77
CA GLY B 85 21.20 13.86 16.14
C GLY B 85 19.72 13.58 16.38
N PRO B 86 19.42 12.92 17.52
CA PRO B 86 18.07 12.44 17.87
C PRO B 86 17.12 13.57 18.19
N VAL B 87 17.63 14.69 18.72
CA VAL B 87 16.69 15.74 19.09
C VAL B 87 16.25 16.52 17.87
N ILE B 88 17.19 17.10 17.14
CA ILE B 88 16.90 17.83 15.92
C ILE B 88 16.15 16.97 14.87
N ASN B 89 16.58 15.73 14.69
CA ASN B 89 16.00 14.98 13.56
C ASN B 89 14.55 14.66 13.87
N ASN B 90 14.26 14.36 15.14
CA ASN B 90 12.90 14.05 15.53
C ASN B 90 11.97 15.24 15.30
N ALA B 91 12.40 16.42 15.73
CA ALA B 91 11.61 17.61 15.53
C ALA B 91 11.34 17.86 14.04
N ILE B 92 12.37 17.78 13.19
CA ILE B 92 12.18 18.02 11.75
C ILE B 92 11.24 16.95 11.13
N SER B 93 11.47 15.71 11.56
CA SER B 93 10.69 14.62 11.02
C SER B 93 9.19 14.85 11.31
N GLY B 94 8.84 15.35 12.52
CA GLY B 94 7.44 15.59 12.73
C GLY B 94 6.94 16.68 11.78
N VAL B 95 7.76 17.71 11.53
CA VAL B 95 7.31 18.71 10.56
C VAL B 95 7.24 18.10 9.15
N ASP B 96 8.24 17.33 8.78
CA ASP B 96 8.23 16.73 7.46
C ASP B 96 6.97 15.88 7.23
N MET B 97 6.59 15.10 8.23
CA MET B 97 5.45 14.22 8.00
C MET B 97 4.20 15.06 7.80
N ALA B 98 4.07 16.10 8.62
CA ALA B 98 2.93 17.04 8.51
C ALA B 98 2.83 17.73 7.11
N LEU B 99 3.98 18.06 6.52
CA LEU B 99 3.98 18.66 5.17
C LEU B 99 3.50 17.67 4.13
N TRP B 100 3.93 16.43 4.24
CA TRP B 100 3.48 15.41 3.31
C TRP B 100 1.99 15.12 3.50
N ASP B 101 1.55 15.19 4.75
CA ASP B 101 0.15 15.00 5.09
C ASP B 101 -0.64 16.09 4.31
N ILE B 102 -0.17 17.35 4.40
CA ILE B 102 -0.78 18.47 3.69
C ILE B 102 -0.82 18.30 2.15
N LYS B 103 0.28 17.83 1.56
CA LYS B 103 0.32 17.59 0.13
C LYS B 103 -0.69 16.49 -0.30
N ALA B 104 -0.76 15.42 0.48
CA ALA B 104 -1.70 14.35 0.15
C ALA B 104 -3.15 14.84 0.31
N LYS B 105 -3.40 15.61 1.36
CA LYS B 105 -4.72 16.22 1.53
C LYS B 105 -5.07 17.10 0.31
N LEU B 106 -4.12 17.91 -0.14
CA LEU B 106 -4.37 18.82 -1.24
C LEU B 106 -4.60 18.02 -2.51
N ALA B 107 -3.81 16.96 -2.68
CA ALA B 107 -4.01 15.99 -3.77
C ALA B 107 -5.33 15.18 -3.69
N GLY B 108 -6.03 15.19 -2.57
CA GLY B 108 -7.26 14.36 -2.44
C GLY B 108 -6.94 12.87 -2.34
N MET B 109 -5.71 12.54 -1.94
CA MET B 109 -5.34 11.11 -2.02
C MET B 109 -4.63 10.59 -0.78
N PRO B 110 -4.76 9.28 -0.55
CA PRO B 110 -4.00 8.67 0.55
C PRO B 110 -2.52 8.98 0.36
N LEU B 111 -1.78 9.10 1.45
CA LEU B 111 -0.34 9.40 1.31
C LEU B 111 0.37 8.41 0.36
N HIS B 112 0.10 7.10 0.46
CA HIS B 112 0.86 6.20 -0.41
C HIS B 112 0.50 6.37 -1.89
N GLN B 113 -0.69 6.86 -2.19
CA GLN B 113 -1.01 7.08 -3.62
C GLN B 113 -0.24 8.29 -4.17
N LEU B 114 -0.04 9.30 -3.30
CA LEU B 114 0.80 10.46 -3.62
C LEU B 114 2.20 10.02 -4.03
N PHE B 115 2.80 9.12 -3.25
CA PHE B 115 4.16 8.60 -3.50
C PHE B 115 4.20 7.92 -4.84
N GLY B 116 3.06 7.42 -5.33
CA GLY B 116 3.02 6.68 -6.62
C GLY B 116 2.21 5.37 -6.73
N GLY B 117 1.63 4.92 -5.63
CA GLY B 117 0.81 3.70 -5.66
C GLY B 117 1.26 2.60 -4.69
N LYS B 118 0.50 1.50 -4.66
CA LYS B 118 0.79 0.36 -3.85
C LYS B 118 1.73 -0.57 -4.62
N SER B 119 2.75 -1.11 -3.95
CA SER B 119 3.48 -2.28 -4.46
C SER B 119 2.82 -3.54 -3.88
N ARG B 120 2.06 -3.42 -2.80
CA ARG B 120 1.45 -4.63 -2.13
C ARG B 120 0.16 -4.18 -1.44
N ASP B 121 -0.74 -5.09 -1.06
CA ASP B 121 -2.05 -4.69 -0.47
C ASP B 121 -1.95 -4.39 1.04
N ALA B 122 -0.94 -4.91 1.74
CA ALA B 122 -0.80 -4.70 3.19
C ALA B 122 0.57 -5.11 3.58
N ILE B 123 0.98 -4.88 4.80
CA ILE B 123 2.35 -5.28 5.17
C ILE B 123 2.23 -6.23 6.35
N PRO B 124 3.00 -7.35 6.33
CA PRO B 124 3.03 -8.18 7.56
C PRO B 124 3.53 -7.44 8.81
N VAL B 125 3.09 -7.91 9.95
CA VAL B 125 3.47 -7.32 11.22
C VAL B 125 4.17 -8.37 12.06
N TYR B 126 5.15 -7.95 12.87
CA TYR B 126 5.69 -8.83 13.91
C TYR B 126 5.42 -8.25 15.31
N THR B 127 5.40 -9.15 16.30
CA THR B 127 5.05 -8.78 17.65
C THR B 127 6.21 -9.15 18.58
N HIS B 128 6.00 -8.94 19.87
CA HIS B 128 7.07 -8.99 20.87
C HIS B 128 6.72 -10.03 21.88
N ALA B 129 7.57 -11.04 22.02
CA ALA B 129 7.48 -12.07 23.06
C ALA B 129 8.76 -12.04 23.88
N THR B 130 8.74 -11.24 24.93
CA THR B 130 9.85 -11.17 25.86
C THR B 130 9.42 -11.76 27.21
N SER B 131 10.20 -12.66 27.76
CA SER B 131 9.91 -13.10 29.14
C SER B 131 11.14 -13.69 29.82
N ASP B 132 11.05 -13.97 31.12
CA ASP B 132 12.19 -14.57 31.85
C ASP B 132 12.17 -16.08 31.80
N THR B 133 11.11 -16.68 31.28
CA THR B 133 11.08 -18.13 31.26
C THR B 133 10.71 -18.60 29.86
N MET B 134 11.14 -19.82 29.51
CA MET B 134 10.69 -20.40 28.26
C MET B 134 9.15 -20.55 28.20
N GLU B 135 8.52 -20.83 29.34
CA GLU B 135 7.07 -21.01 29.32
C GLU B 135 6.32 -19.67 29.14
N GLY B 136 6.85 -18.60 29.71
CA GLY B 136 6.25 -17.29 29.48
C GLY B 136 6.37 -16.95 27.99
N ILE B 137 7.50 -17.31 27.39
CA ILE B 137 7.59 -17.14 25.95
C ILE B 137 6.55 -18.01 25.20
N TYR B 138 6.45 -19.29 25.54
CA TYR B 138 5.46 -20.16 24.91
C TYR B 138 4.05 -19.51 24.92
N ASP B 139 3.63 -19.05 26.08
CA ASP B 139 2.35 -18.34 26.23
C ASP B 139 2.18 -17.13 25.31
N LEU B 140 3.13 -16.21 25.31
CA LEU B 140 3.02 -15.05 24.43
C LEU B 140 2.90 -15.53 22.99
N VAL B 141 3.77 -16.46 22.63
CA VAL B 141 3.87 -16.99 21.26
C VAL B 141 2.51 -17.55 20.81
N GLU B 142 1.91 -18.37 21.66
CA GLU B 142 0.66 -19.00 21.27
C GLU B 142 -0.43 -17.95 21.15
N GLY B 143 -0.46 -17.00 22.07
CA GLY B 143 -1.46 -15.92 21.94
C GLY B 143 -1.30 -15.28 20.55
N PHE B 144 -0.05 -14.98 20.14
CA PHE B 144 0.17 -14.28 18.86
C PHE B 144 -0.17 -15.13 17.64
N LEU B 145 0.13 -16.42 17.70
CA LEU B 145 -0.13 -17.35 16.61
C LEU B 145 -1.64 -17.53 16.33
N GLU B 146 -2.42 -17.64 17.42
CA GLU B 146 -3.87 -17.72 17.26
C GLU B 146 -4.39 -16.47 16.61
N LYS B 147 -3.76 -15.31 16.87
CA LYS B 147 -4.25 -14.08 16.24
C LYS B 147 -3.75 -13.89 14.81
N GLY B 148 -2.98 -14.86 14.31
CA GLY B 148 -2.51 -14.83 12.91
C GLY B 148 -1.14 -14.21 12.61
N TYR B 149 -0.38 -13.87 13.66
CA TYR B 149 0.97 -13.39 13.45
C TYR B 149 1.88 -14.50 12.98
N LYS B 150 2.76 -14.17 12.05
CA LYS B 150 3.70 -15.14 11.47
C LYS B 150 5.14 -14.75 11.68
N HIS B 151 5.39 -13.70 12.46
CA HIS B 151 6.73 -13.25 12.76
C HIS B 151 6.71 -12.76 14.21
N ILE B 152 7.60 -13.24 15.04
CA ILE B 152 7.57 -12.84 16.43
C ILE B 152 9.01 -12.65 16.93
N ARG B 153 9.26 -11.54 17.59
CA ARG B 153 10.55 -11.27 18.12
C ARG B 153 10.55 -11.90 19.51
N CYS B 154 11.48 -12.81 19.76
CA CYS B 154 11.50 -13.61 20.97
C CYS B 154 12.77 -13.34 21.77
N GLN B 155 12.63 -12.84 22.99
CA GLN B 155 13.76 -12.48 23.87
C GLN B 155 13.60 -13.24 25.20
N LEU B 156 14.52 -14.15 25.54
CA LEU B 156 14.50 -14.79 26.86
C LEU B 156 15.33 -13.96 27.83
N GLY B 157 14.70 -13.34 28.84
CA GLY B 157 15.34 -12.30 29.67
C GLY B 157 15.22 -10.96 28.94
N PHE B 158 14.87 -9.88 29.64
CA PHE B 158 15.13 -8.58 28.97
C PHE B 158 16.14 -7.68 29.66
N ASP B 179 27.71 -14.76 32.00
CA ASP B 179 27.00 -13.48 31.78
C ASP B 179 26.63 -13.17 30.29
N GLN B 180 27.58 -12.65 29.48
CA GLN B 180 27.38 -12.65 28.03
C GLN B 180 27.29 -14.12 27.57
N ASP B 181 28.08 -14.97 28.21
CA ASP B 181 27.98 -16.43 28.01
C ASP B 181 26.63 -17.02 28.36
N GLN B 182 26.11 -16.68 29.52
CA GLN B 182 24.76 -17.14 29.85
C GLN B 182 23.71 -16.57 28.89
N TYR B 183 23.84 -15.29 28.53
CA TYR B 183 22.93 -14.70 27.54
C TYR B 183 23.01 -15.47 26.22
N MET B 184 24.21 -15.74 25.70
CA MET B 184 24.30 -16.50 24.43
C MET B 184 23.69 -17.87 24.55
N ASP B 185 24.04 -18.59 25.62
CA ASP B 185 23.54 -19.95 25.87
C ASP B 185 22.04 -20.03 26.00
N ASN B 186 21.48 -19.19 26.86
CA ASN B 186 20.05 -19.08 26.94
C ASN B 186 19.41 -18.81 25.60
N THR B 187 19.99 -17.91 24.79
CA THR B 187 19.34 -17.51 23.55
C THR B 187 19.41 -18.65 22.51
N LEU B 188 20.53 -19.34 22.45
CA LEU B 188 20.58 -20.55 21.63
C LEU B 188 19.60 -21.62 22.13
N THR B 189 19.48 -21.79 23.43
CA THR B 189 18.47 -22.73 23.95
C THR B 189 17.09 -22.31 23.49
N MET B 190 16.77 -21.02 23.65
CA MET B 190 15.47 -20.45 23.21
C MET B 190 15.21 -20.81 21.75
N PHE B 191 16.16 -20.52 20.85
CA PHE B 191 15.96 -20.85 19.42
C PHE B 191 15.71 -22.36 19.21
N LYS B 192 16.55 -23.17 19.85
CA LYS B 192 16.44 -24.62 19.74
C LYS B 192 15.05 -25.07 20.15
N SER B 193 14.63 -24.62 21.34
CA SER B 193 13.31 -24.99 21.88
C SER B 193 12.19 -24.54 20.98
N LEU B 194 12.22 -23.28 20.52
CA LEU B 194 11.14 -22.79 19.65
C LEU B 194 10.99 -23.61 18.38
N ARG B 195 12.11 -24.02 17.77
CA ARG B 195 12.03 -24.78 16.53
C ARG B 195 11.46 -26.18 16.80
N GLU B 196 12.02 -26.87 17.79
CA GLU B 196 11.53 -28.17 18.23
C GLU B 196 10.04 -28.16 18.56
N LYS B 197 9.59 -27.08 19.19
CA LYS B 197 8.17 -26.98 19.54
C LYS B 197 7.24 -26.52 18.38
N TYR B 198 7.70 -25.60 17.55
CA TYR B 198 6.83 -24.95 16.56
C TYR B 198 7.30 -25.12 15.13
N GLY B 199 8.48 -25.73 14.97
CA GLY B 199 9.03 -25.93 13.65
C GLY B 199 9.02 -24.61 12.91
N ASN B 200 8.36 -24.60 11.76
CA ASN B 200 8.36 -23.42 10.90
C ASN B 200 7.05 -22.65 10.91
N GLN B 201 6.27 -22.78 11.98
CA GLN B 201 5.00 -22.11 12.04
C GLN B 201 5.16 -20.60 12.01
N PHE B 202 6.28 -20.10 12.51
CA PHE B 202 6.57 -18.67 12.40
C PHE B 202 8.05 -18.29 12.32
N HIS B 203 8.28 -17.08 11.87
CA HIS B 203 9.60 -16.52 11.77
C HIS B 203 10.02 -15.95 13.11
N ILE B 204 11.23 -16.30 13.58
CA ILE B 204 11.78 -15.80 14.85
C ILE B 204 12.78 -14.65 14.61
N LEU B 205 12.46 -13.48 15.17
CA LEU B 205 13.38 -12.38 15.18
C LEU B 205 14.05 -12.33 16.53
N HIS B 206 15.28 -11.82 16.60
CA HIS B 206 15.88 -11.66 17.94
C HIS B 206 16.84 -10.51 17.99
N ASP B 207 16.84 -9.73 19.07
CA ASP B 207 17.68 -8.55 19.12
C ASP B 207 18.83 -8.78 20.10
N VAL B 208 20.07 -8.73 19.61
CA VAL B 208 21.21 -8.99 20.49
C VAL B 208 21.51 -7.71 21.33
N HIS B 209 20.99 -6.55 20.92
CA HIS B 209 21.15 -5.35 21.71
C HIS B 209 22.61 -5.03 22.01
N GLU B 210 23.49 -5.34 21.07
CA GLU B 210 24.91 -5.00 21.19
C GLU B 210 25.56 -5.53 22.43
N ARG B 211 25.13 -6.66 22.94
CA ARG B 211 25.64 -7.19 24.19
C ARG B 211 26.93 -7.97 24.03
N LEU B 212 27.32 -8.26 22.78
CA LEU B 212 28.46 -9.16 22.52
C LEU B 212 29.69 -8.39 22.05
N PHE B 213 30.92 -8.83 22.45
CA PHE B 213 32.13 -8.30 21.81
C PHE B 213 32.20 -8.94 20.44
N PRO B 214 33.06 -8.40 19.55
CA PRO B 214 33.03 -8.90 18.18
C PRO B 214 33.29 -10.39 17.97
N ASN B 215 34.30 -10.98 18.66
CA ASN B 215 34.51 -12.42 18.60
C ASN B 215 33.31 -13.28 19.03
N GLN B 216 32.61 -12.82 20.07
CA GLN B 216 31.43 -13.52 20.52
C GLN B 216 30.33 -13.38 19.46
N ALA B 217 30.20 -12.19 18.90
CA ALA B 217 29.15 -11.99 17.87
C ALA B 217 29.38 -12.95 16.69
N ILE B 218 30.64 -13.15 16.29
CA ILE B 218 30.92 -14.07 15.18
C ILE B 218 30.56 -15.53 15.54
N GLN B 219 30.92 -15.94 16.75
CA GLN B 219 30.59 -17.23 17.26
C GLN B 219 29.04 -17.41 17.32
N PHE B 220 28.35 -16.44 17.90
CA PHE B 220 26.91 -16.54 18.01
C PHE B 220 26.30 -16.65 16.61
N ALA B 221 26.77 -15.81 15.68
CA ALA B 221 26.24 -15.87 14.31
C ALA B 221 26.37 -17.26 13.70
N LYS B 222 27.49 -17.96 13.89
CA LYS B 222 27.59 -19.30 13.32
C LYS B 222 26.71 -20.30 14.05
N GLU B 223 26.56 -20.15 15.36
CA GLU B 223 25.79 -21.15 16.09
C GLU B 223 24.30 -20.97 15.90
N VAL B 224 23.82 -19.75 15.69
CA VAL B 224 22.36 -19.56 15.59
C VAL B 224 21.84 -19.75 14.15
N GLU B 225 22.77 -19.92 13.19
CA GLU B 225 22.47 -19.90 11.77
C GLU B 225 21.47 -21.01 11.48
N GLN B 226 21.72 -22.19 12.02
CA GLN B 226 20.91 -23.37 11.78
C GLN B 226 19.46 -23.20 12.17
N TYR B 227 19.16 -22.24 13.05
CA TYR B 227 17.80 -22.09 13.50
C TYR B 227 17.09 -21.12 12.61
N LYS B 228 17.81 -20.59 11.64
CA LYS B 228 17.22 -19.74 10.60
C LYS B 228 16.40 -18.56 11.09
N PRO B 229 17.02 -17.65 11.88
CA PRO B 229 16.26 -16.49 12.31
C PRO B 229 15.84 -15.58 11.15
N TYR B 230 14.70 -14.93 11.29
CA TYR B 230 14.28 -13.97 10.31
C TYR B 230 15.35 -12.88 10.13
N PHE B 231 15.81 -12.34 11.26
CA PHE B 231 17.08 -11.66 11.31
C PHE B 231 17.49 -11.59 12.77
N ILE B 232 18.79 -11.38 12.97
CA ILE B 232 19.39 -11.04 14.27
C ILE B 232 19.73 -9.58 14.24
N GLU B 233 19.23 -8.82 15.20
CA GLU B 233 19.38 -7.37 15.18
C GLU B 233 20.48 -6.97 16.14
N ASP B 234 21.20 -5.89 15.80
CA ASP B 234 22.29 -5.34 16.58
C ASP B 234 23.26 -6.38 17.16
N ILE B 235 23.81 -7.16 16.26
CA ILE B 235 24.65 -8.27 16.65
C ILE B 235 26.03 -7.77 17.11
N LEU B 236 26.45 -6.61 16.66
CA LEU B 236 27.75 -6.03 17.10
C LEU B 236 27.53 -4.77 17.93
N PRO B 237 28.54 -4.39 18.74
CA PRO B 237 28.52 -2.97 19.17
C PRO B 237 28.51 -2.01 17.99
N PRO B 238 28.02 -0.76 18.21
CA PRO B 238 28.04 0.07 16.98
C PRO B 238 29.46 0.63 16.95
N ASN B 239 29.80 1.28 15.86
CA ASN B 239 31.22 1.60 15.69
C ASN B 239 32.09 0.34 15.57
N GLN B 240 31.48 -0.83 15.40
CA GLN B 240 32.25 -2.05 15.10
C GLN B 240 31.74 -2.76 13.87
N THR B 241 31.18 -2.01 12.92
CA THR B 241 30.50 -2.64 11.79
C THR B 241 31.53 -3.22 10.88
N GLU B 242 32.77 -2.80 11.03
CA GLU B 242 33.84 -3.35 10.21
C GLU B 242 33.92 -4.90 10.43
N TRP B 243 33.46 -5.36 11.57
CA TRP B 243 33.49 -6.77 11.89
C TRP B 243 32.37 -7.55 11.15
N LEU B 244 31.46 -6.85 10.45
CA LEU B 244 30.44 -7.61 9.77
C LEU B 244 31.04 -8.45 8.65
N ASP B 245 32.15 -7.99 8.07
CA ASP B 245 32.76 -8.71 6.98
C ASP B 245 33.19 -10.07 7.52
N ASN B 246 33.70 -10.09 8.73
CA ASN B 246 34.12 -11.37 9.30
C ASN B 246 32.89 -12.29 9.37
N ILE B 247 31.77 -11.78 9.89
CA ILE B 247 30.60 -12.61 10.06
C ILE B 247 30.10 -13.10 8.71
N ARG B 248 30.07 -12.22 7.72
CA ARG B 248 29.42 -12.53 6.46
C ARG B 248 30.24 -13.41 5.55
N SER B 249 31.51 -13.63 5.86
CA SER B 249 32.29 -14.48 5.01
C SER B 249 32.08 -15.91 5.51
N GLN B 250 31.45 -16.07 6.67
CA GLN B 250 31.32 -17.37 7.35
C GLN B 250 29.90 -17.86 7.68
N SER B 251 28.94 -16.94 7.72
CA SER B 251 27.62 -17.28 8.20
C SER B 251 26.65 -16.61 7.26
N SER B 252 25.54 -17.33 7.02
CA SER B 252 24.44 -16.82 6.23
C SER B 252 23.34 -16.25 7.07
N VAL B 253 23.58 -16.10 8.37
CA VAL B 253 22.56 -15.52 9.22
C VAL B 253 22.13 -14.13 8.68
N SER B 254 20.84 -13.85 8.65
CA SER B 254 20.32 -12.54 8.26
C SER B 254 20.47 -11.51 9.36
N LEU B 255 20.87 -10.31 8.99
CA LEU B 255 21.18 -9.30 9.98
C LEU B 255 20.41 -8.05 9.74
N GLY B 256 19.97 -7.47 10.87
CA GLY B 256 19.30 -6.17 10.90
C GLY B 256 20.16 -5.19 11.69
N LEU B 257 20.33 -3.97 11.14
CA LEU B 257 20.97 -2.90 11.88
C LEU B 257 20.28 -1.60 11.51
N GLY B 258 20.36 -0.58 12.36
CA GLY B 258 19.98 0.79 11.95
C GLY B 258 19.19 1.49 13.03
N GLU B 259 18.72 0.70 13.98
CA GLU B 259 17.73 1.18 14.94
C GLU B 259 18.08 2.51 15.57
N LEU B 260 19.35 2.66 15.92
CA LEU B 260 19.79 3.84 16.64
C LEU B 260 20.35 4.93 15.71
N PHE B 261 20.33 4.66 14.39
CA PHE B 261 20.93 5.62 13.41
C PHE B 261 20.16 6.94 13.31
N ASN B 262 20.91 8.02 13.25
CA ASN B 262 20.34 9.29 12.86
C ASN B 262 21.22 9.96 11.83
N ASN B 263 22.26 9.26 11.35
CA ASN B 263 23.28 9.90 10.49
C ASN B 263 23.60 9.02 9.23
N PRO B 264 23.58 9.65 8.04
CA PRO B 264 23.79 8.86 6.81
C PRO B 264 25.13 8.11 6.82
N GLU B 265 26.17 8.64 7.47
CA GLU B 265 27.41 7.90 7.54
C GLU B 265 27.18 6.57 8.21
N GLU B 266 26.08 6.43 8.96
CA GLU B 266 25.90 5.20 9.69
C GLU B 266 25.40 4.11 8.75
N TRP B 267 24.74 4.51 7.65
CA TRP B 267 24.13 3.50 6.78
C TRP B 267 24.69 3.36 5.39
N LYS B 268 25.35 4.40 4.89
CA LYS B 268 25.73 4.43 3.48
C LYS B 268 26.65 3.27 3.09
N SER B 269 27.78 3.11 3.77
CA SER B 269 28.76 2.07 3.40
C SER B 269 28.25 0.65 3.79
N LEU B 270 27.43 0.57 4.84
CA LEU B 270 26.83 -0.69 5.28
C LEU B 270 25.97 -1.30 4.15
N ILE B 271 25.13 -0.47 3.55
CA ILE B 271 24.20 -0.91 2.52
C ILE B 271 24.93 -1.07 1.21
N ALA B 272 25.83 -0.13 0.88
CA ALA B 272 26.56 -0.23 -0.38
C ALA B 272 27.44 -1.48 -0.43
N ASN B 273 27.93 -1.96 0.70
CA ASN B 273 28.73 -3.21 0.74
C ASN B 273 27.97 -4.41 1.21
N ARG B 274 26.63 -4.26 1.30
CA ARG B 274 25.81 -5.48 1.47
C ARG B 274 26.09 -6.14 2.79
N ARG B 275 26.30 -5.33 3.83
CA ARG B 275 26.72 -5.85 5.14
C ARG B 275 25.54 -6.11 6.05
N ILE B 276 24.36 -5.73 5.63
CA ILE B 276 23.16 -6.13 6.35
C ILE B 276 22.08 -6.55 5.36
N ASP B 277 21.00 -7.16 5.89
CA ASP B 277 19.93 -7.71 5.10
C ASP B 277 18.63 -6.99 5.36
N PHE B 278 18.53 -6.29 6.48
CA PHE B 278 17.35 -5.45 6.80
C PHE B 278 17.82 -4.17 7.41
N ILE B 279 17.36 -3.04 6.89
CA ILE B 279 17.61 -1.76 7.55
C ILE B 279 16.52 -1.47 8.60
N ARG B 280 16.90 -0.92 9.77
CA ARG B 280 15.99 -0.91 10.89
C ARG B 280 15.85 0.48 11.49
N CYS B 281 16.14 1.52 10.71
CA CYS B 281 16.03 2.89 11.17
C CYS B 281 14.61 3.19 11.62
N HIS B 282 14.49 4.05 12.63
CA HIS B 282 13.29 4.81 12.90
C HIS B 282 13.18 5.98 11.89
N VAL B 283 12.08 6.03 11.14
CA VAL B 283 11.80 7.12 10.20
C VAL B 283 12.03 8.47 10.87
N SER B 284 11.51 8.61 12.09
CA SER B 284 11.69 9.80 12.86
C SER B 284 13.18 10.13 13.20
N GLN B 285 14.01 9.14 13.45
CA GLN B 285 15.39 9.44 13.83
C GLN B 285 16.24 9.96 12.67
N ILE B 286 15.85 9.61 11.45
CA ILE B 286 16.63 10.01 10.25
C ILE B 286 16.04 11.24 9.55
N GLY B 287 14.95 11.76 10.06
CA GLY B 287 14.46 13.08 9.54
C GLY B 287 13.11 13.09 8.80
N GLY B 288 12.49 11.91 8.69
CA GLY B 288 11.10 11.80 8.26
C GLY B 288 10.89 11.02 6.95
N ILE B 289 9.82 11.34 6.26
CA ILE B 289 9.43 10.70 5.05
C ILE B 289 10.41 11.04 3.95
N THR B 290 10.80 12.28 3.88
CA THR B 290 11.69 12.71 2.82
C THR B 290 12.97 11.88 2.73
N PRO B 291 13.75 11.78 3.82
CA PRO B 291 14.91 10.87 3.71
C PRO B 291 14.55 9.37 3.64
N ALA B 292 13.43 8.97 4.21
CA ALA B 292 13.03 7.56 4.22
C ALA B 292 12.80 6.97 2.80
N LEU B 293 12.15 7.74 1.95
CA LEU B 293 11.87 7.34 0.57
C LEU B 293 13.18 7.15 -0.18
N LYS B 294 14.13 8.09 -0.01
CA LYS B 294 15.48 7.94 -0.64
C LYS B 294 16.22 6.68 -0.18
N LEU B 295 16.17 6.42 1.11
CA LEU B 295 16.90 5.28 1.68
C LEU B 295 16.16 4.01 1.27
N GLY B 296 14.82 4.07 1.13
CA GLY B 296 14.08 2.91 0.68
C GLY B 296 14.55 2.58 -0.74
N HIS B 297 14.75 3.59 -1.56
CA HIS B 297 15.21 3.35 -2.91
C HIS B 297 16.66 2.84 -2.91
N LEU B 298 17.49 3.36 -2.00
CA LEU B 298 18.85 2.91 -1.91
C LEU B 298 18.84 1.42 -1.54
N CYS B 299 17.98 1.04 -0.61
CA CYS B 299 17.86 -0.34 -0.20
C CYS B 299 17.51 -1.28 -1.37
N GLN B 300 16.53 -0.91 -2.19
CA GLN B 300 16.23 -1.67 -3.41
C GLN B 300 17.33 -1.85 -4.41
N ASN B 301 18.04 -0.77 -4.75
CA ASN B 301 19.26 -0.87 -5.56
C ASN B 301 20.27 -1.83 -4.99
N PHE B 302 20.42 -1.91 -3.68
CA PHE B 302 21.47 -2.78 -3.12
C PHE B 302 20.99 -4.15 -2.58
N GLY B 303 19.69 -4.42 -2.65
CA GLY B 303 19.20 -5.79 -2.29
C GLY B 303 18.98 -5.93 -0.82
N VAL B 304 18.75 -4.81 -0.19
CA VAL B 304 18.51 -4.81 1.26
C VAL B 304 17.02 -4.58 1.54
N ARG B 305 16.47 -5.27 2.50
CA ARG B 305 15.02 -5.10 2.74
C ARG B 305 14.81 -4.11 3.90
N ILE B 306 13.57 -3.66 4.08
CA ILE B 306 13.30 -2.52 4.94
C ILE B 306 12.44 -2.94 6.09
N ALA B 307 12.78 -2.55 7.29
CA ALA B 307 11.92 -2.92 8.44
C ALA B 307 11.99 -1.81 9.44
N TRP B 308 11.36 -0.68 9.14
CA TRP B 308 11.48 0.46 9.99
C TRP B 308 11.07 0.13 11.44
N HIS B 309 11.74 0.72 12.45
CA HIS B 309 11.24 0.51 13.81
C HIS B 309 9.94 1.29 14.06
N CYS B 310 9.05 0.71 14.87
CA CYS B 310 7.85 1.38 15.37
C CYS B 310 7.78 1.15 16.87
N PRO B 311 8.47 2.02 17.65
CA PRO B 311 8.65 1.83 19.11
C PRO B 311 7.33 2.08 19.88
N PRO B 312 7.20 1.56 21.12
CA PRO B 312 5.88 1.66 21.69
C PRO B 312 5.47 3.08 21.90
N ASP B 313 6.37 4.04 21.75
CA ASP B 313 5.94 5.43 21.96
C ASP B 313 5.62 6.19 20.65
N MET B 314 5.71 5.50 19.51
CA MET B 314 5.23 6.08 18.24
C MET B 314 3.73 6.28 18.40
N THR B 315 3.21 7.37 17.84
CA THR B 315 1.77 7.49 17.82
C THR B 315 1.21 6.74 16.62
N PRO B 316 -0.11 6.58 16.59
CA PRO B 316 -0.73 5.96 15.45
C PRO B 316 -0.53 6.78 14.20
N ILE B 317 -0.19 8.05 14.37
CA ILE B 317 0.05 8.91 13.21
C ILE B 317 1.34 8.43 12.57
N GLY B 318 2.37 8.25 13.39
CA GLY B 318 3.66 7.67 12.95
C GLY B 318 3.51 6.27 12.40
N ALA B 319 2.73 5.42 13.07
CA ALA B 319 2.54 4.09 12.52
C ALA B 319 1.80 4.11 11.18
N ALA B 320 0.82 4.99 11.03
CA ALA B 320 0.10 5.11 9.74
C ALA B 320 1.06 5.49 8.60
N VAL B 321 1.95 6.46 8.89
CA VAL B 321 2.99 6.84 7.95
C VAL B 321 3.86 5.64 7.63
N ASN B 322 4.28 4.86 8.64
CA ASN B 322 5.04 3.66 8.29
C ASN B 322 4.25 2.71 7.38
N THR B 323 2.94 2.54 7.63
CA THR B 323 2.17 1.63 6.78
C THR B 323 2.07 2.15 5.35
N HIS B 324 1.90 3.43 5.17
CA HIS B 324 1.96 4.01 3.83
C HIS B 324 3.29 3.77 3.14
N LEU B 325 4.39 4.05 3.84
CA LEU B 325 5.70 3.77 3.26
C LEU B 325 5.81 2.28 2.94
N ASN B 326 5.23 1.45 3.80
CA ASN B 326 5.42 0.00 3.66
C ASN B 326 4.58 -0.61 2.57
N VAL B 327 3.43 -0.02 2.23
CA VAL B 327 2.67 -0.61 1.10
C VAL B 327 3.22 -0.04 -0.23
N HIS B 328 3.91 1.08 -0.13
CA HIS B 328 4.43 1.72 -1.31
C HIS B 328 5.83 1.17 -1.74
N LEU B 329 6.79 1.17 -0.84
CA LEU B 329 8.16 0.91 -1.24
C LEU B 329 8.38 -0.56 -1.63
N HIS B 330 8.93 -0.79 -2.82
CA HIS B 330 9.15 -2.14 -3.27
C HIS B 330 9.73 -3.09 -2.18
N ASN B 331 10.76 -2.65 -1.47
CA ASN B 331 11.52 -3.54 -0.61
C ASN B 331 11.08 -3.53 0.86
N ALA B 332 9.94 -2.91 1.15
CA ALA B 332 9.48 -2.93 2.52
C ALA B 332 9.17 -4.37 2.94
N ALA B 333 9.57 -4.82 4.14
CA ALA B 333 9.41 -6.23 4.48
C ALA B 333 8.35 -6.50 5.55
N ILE B 334 8.35 -5.70 6.60
CA ILE B 334 7.55 -6.02 7.76
C ILE B 334 7.46 -4.79 8.67
N GLN B 335 6.38 -4.70 9.40
CA GLN B 335 6.15 -3.59 10.31
C GLN B 335 6.07 -4.04 11.77
N GLU B 336 6.56 -3.22 12.66
CA GLU B 336 6.59 -3.56 14.05
C GLU B 336 5.30 -3.20 14.72
N HIS B 337 4.72 -4.17 15.46
CA HIS B 337 3.44 -4.04 16.20
C HIS B 337 3.53 -3.04 17.31
N VAL B 338 2.53 -2.18 17.43
CA VAL B 338 2.36 -1.29 18.60
C VAL B 338 0.93 -1.40 19.13
N GLU B 339 0.71 -2.21 20.16
CA GLU B 339 -0.65 -2.26 20.79
C GLU B 339 -1.05 -0.88 21.30
N TYR B 340 -2.27 -0.48 20.99
CA TYR B 340 -2.80 0.76 21.53
C TYR B 340 -3.98 0.52 22.49
N ASN B 341 -3.86 1.05 23.72
CA ASN B 341 -4.95 1.45 24.64
C ASN B 341 -6.24 1.87 23.98
N GLY B 342 -7.35 1.81 24.72
CA GLY B 342 -8.60 2.47 24.31
C GLY B 342 -8.39 3.98 24.44
N ASN B 343 -7.63 4.39 25.48
CA ASN B 343 -7.24 5.80 25.66
C ASN B 343 -6.47 6.35 24.44
N THR B 344 -5.39 5.68 24.06
CA THR B 344 -4.66 6.06 22.83
C THR B 344 -5.60 6.09 21.61
N HIS B 345 -6.46 5.07 21.48
CA HIS B 345 -7.41 5.00 20.35
C HIS B 345 -8.32 6.18 20.34
N LYS B 346 -8.69 6.64 21.54
CA LYS B 346 -9.50 7.83 21.70
C LYS B 346 -8.76 9.11 21.24
N VAL B 347 -7.53 9.25 21.70
CA VAL B 347 -6.70 10.40 21.34
C VAL B 347 -6.35 10.46 19.83
N PHE B 348 -6.16 9.27 19.20
CA PHE B 348 -5.87 9.16 17.77
C PHE B 348 -6.87 8.21 17.05
N PRO B 349 -8.01 8.77 16.59
CA PRO B 349 -9.09 8.00 15.95
C PRO B 349 -8.67 7.40 14.62
N ASN B 350 -9.21 6.22 14.31
CA ASN B 350 -8.85 5.43 13.11
C ASN B 350 -7.43 4.91 13.20
N ALA B 351 -6.90 4.75 14.41
CA ALA B 351 -5.59 4.13 14.60
C ALA B 351 -5.77 2.67 14.18
N ALA B 352 -5.05 2.22 13.18
CA ALA B 352 -5.30 0.88 12.65
C ALA B 352 -4.63 -0.16 13.50
N GLU B 353 -5.33 -1.23 13.81
CA GLU B 353 -4.73 -2.43 14.38
C GLU B 353 -4.54 -3.48 13.24
N PRO B 354 -3.60 -4.43 13.46
CA PRO B 354 -3.36 -5.50 12.52
C PRO B 354 -4.57 -6.41 12.36
N ILE B 355 -4.74 -6.93 11.14
CA ILE B 355 -5.83 -7.85 10.86
C ILE B 355 -5.22 -9.13 10.32
N ASN B 356 -5.41 -10.22 11.03
CA ASN B 356 -4.75 -11.42 10.68
C ASN B 356 -3.26 -11.29 10.38
N GLY B 357 -2.53 -10.46 11.12
CA GLY B 357 -1.08 -10.37 11.04
C GLY B 357 -0.61 -9.39 9.95
N TYR B 358 -1.52 -8.53 9.49
CA TYR B 358 -1.22 -7.55 8.43
C TYR B 358 -1.78 -6.20 8.82
N LEU B 359 -1.02 -5.16 8.49
CA LEU B 359 -1.54 -3.80 8.57
C LEU B 359 -1.90 -3.32 7.14
N TYR B 360 -3.03 -2.62 7.04
CA TYR B 360 -3.56 -2.05 5.79
C TYR B 360 -3.41 -0.58 5.88
N ALA B 361 -2.98 0.06 4.79
CA ALA B 361 -2.83 1.51 4.77
C ALA B 361 -4.20 2.18 4.77
N SER B 362 -4.22 3.39 5.30
CA SER B 362 -5.40 4.23 5.25
C SER B 362 -5.73 4.57 3.78
N GLU B 363 -7.02 4.77 3.51
CA GLU B 363 -7.47 5.11 2.17
C GLU B 363 -8.11 6.48 2.12
N ILE B 364 -8.21 7.18 3.24
CA ILE B 364 -8.71 8.54 3.12
C ILE B 364 -7.55 9.54 2.84
N ALA B 365 -7.88 10.74 2.39
CA ALA B 365 -6.89 11.75 2.05
C ALA B 365 -5.90 12.04 3.19
N GLY B 366 -4.64 12.15 2.82
CA GLY B 366 -3.61 12.56 3.79
C GLY B 366 -3.05 11.32 4.43
N ILE B 367 -2.52 11.51 5.65
CA ILE B 367 -2.01 10.37 6.39
C ILE B 367 -3.18 9.47 6.82
N GLY B 368 -4.29 10.11 7.18
CA GLY B 368 -5.54 9.47 7.51
C GLY B 368 -5.74 9.27 9.00
N VAL B 369 -4.84 9.80 9.82
CA VAL B 369 -5.03 9.78 11.26
C VAL B 369 -4.59 11.16 11.74
N GLU B 370 -5.41 11.74 12.59
CA GLU B 370 -5.13 13.02 13.22
C GLU B 370 -5.12 12.89 14.75
N ILE B 371 -4.98 13.99 15.47
CA ILE B 371 -4.98 13.92 16.92
C ILE B 371 -6.23 14.61 17.37
N ASP B 372 -6.95 13.99 18.30
CA ASP B 372 -8.06 14.67 18.95
C ASP B 372 -7.52 15.56 20.08
N ARG B 373 -7.45 16.87 19.85
CA ARG B 373 -6.74 17.78 20.78
C ARG B 373 -7.29 17.76 22.23
N GLU B 374 -8.61 17.74 22.40
CA GLU B 374 -9.17 17.75 23.75
C GLU B 374 -8.90 16.45 24.47
N ALA B 375 -9.00 15.35 23.72
CA ALA B 375 -8.81 14.05 24.33
C ALA B 375 -7.35 13.94 24.74
N ALA B 376 -6.44 14.52 23.95
CA ALA B 376 -5.02 14.54 24.31
C ALA B 376 -4.80 15.43 25.53
N ALA B 377 -5.54 16.53 25.59
CA ALA B 377 -5.45 17.45 26.72
C ALA B 377 -5.74 16.77 28.07
N GLU B 378 -6.18 15.53 28.02
CA GLU B 378 -6.53 14.85 29.26
C GLU B 378 -5.38 13.99 29.79
N PHE B 379 -4.21 14.09 29.17
CA PHE B 379 -3.08 13.23 29.53
C PHE B 379 -1.68 13.88 29.44
N PRO B 380 -1.35 14.81 30.36
CA PRO B 380 -0.06 15.49 30.58
C PRO B 380 1.06 15.25 29.58
N SER C 2 -39.21 -43.76 -5.66
CA SER C 2 -38.10 -44.61 -6.18
C SER C 2 -36.75 -44.12 -5.65
N LEU C 3 -36.81 -43.41 -4.52
CA LEU C 3 -35.62 -43.08 -3.74
C LEU C 3 -35.46 -44.24 -2.75
N LYS C 4 -34.25 -44.71 -2.56
CA LYS C 4 -34.05 -45.79 -1.61
C LYS C 4 -33.39 -45.20 -0.36
N GLU C 5 -33.40 -45.95 0.74
CA GLU C 5 -32.71 -45.46 1.92
C GLU C 5 -31.34 -44.89 1.60
N THR C 6 -31.02 -43.76 2.25
CA THR C 6 -29.71 -43.16 2.08
C THR C 6 -28.95 -43.36 3.39
N ILE C 7 -27.96 -44.27 3.37
CA ILE C 7 -27.33 -44.69 4.62
C ILE C 7 -26.07 -43.92 4.96
N ILE C 8 -26.08 -43.28 6.12
CA ILE C 8 -24.93 -42.49 6.55
C ILE C 8 -23.73 -43.37 6.93
N SER C 9 -22.63 -43.21 6.20
CA SER C 9 -21.44 -44.01 6.39
C SER C 9 -20.33 -43.36 7.26
N ASP C 10 -20.24 -42.04 7.24
CA ASP C 10 -19.21 -41.38 8.01
C ASP C 10 -19.58 -39.91 8.22
N ILE C 11 -18.91 -39.28 9.17
CA ILE C 11 -19.10 -37.85 9.47
C ILE C 11 -17.73 -37.21 9.83
N HIS C 12 -17.41 -36.10 9.15
CA HIS C 12 -16.22 -35.32 9.45
C HIS C 12 -16.54 -33.87 9.82
N CYS C 13 -15.60 -33.24 10.50
CA CYS C 13 -15.71 -31.87 10.92
C CYS C 13 -14.32 -31.26 10.62
N ILE C 14 -14.22 -30.51 9.52
CA ILE C 14 -12.98 -29.84 9.14
C ILE C 14 -12.91 -28.34 9.50
N ILE C 15 -11.93 -27.97 10.34
CA ILE C 15 -11.67 -26.58 10.66
C ILE C 15 -10.51 -26.06 9.79
N THR C 16 -10.59 -24.80 9.36
CA THR C 16 -9.56 -24.26 8.47
C THR C 16 -9.45 -22.77 8.65
N LYS C 17 -8.25 -22.24 8.43
CA LYS C 17 -8.02 -20.83 8.69
C LYS C 17 -7.28 -20.24 7.49
N PRO C 18 -7.98 -20.14 6.34
CA PRO C 18 -7.44 -19.50 5.13
C PRO C 18 -7.35 -17.97 5.29
N ASP C 19 -8.10 -17.41 6.24
CA ASP C 19 -8.11 -15.96 6.45
C ASP C 19 -8.13 -15.62 7.95
N ARG C 20 -8.91 -14.61 8.31
CA ARG C 20 -9.01 -14.16 9.69
C ARG C 20 -9.52 -15.28 10.61
N HIS C 21 -10.54 -16.04 10.17
CA HIS C 21 -11.32 -16.88 11.09
C HIS C 21 -11.18 -18.39 10.90
N ASN C 22 -11.37 -19.11 12.01
CA ASN C 22 -11.53 -20.54 11.94
C ASN C 22 -12.90 -20.81 11.33
N LEU C 23 -12.87 -21.60 10.26
CA LEU C 23 -14.02 -21.98 9.48
C LEU C 23 -14.29 -23.46 9.72
N ILE C 24 -15.55 -23.79 10.03
CA ILE C 24 -15.92 -25.15 10.35
C ILE C 24 -16.91 -25.69 9.33
N THR C 25 -16.50 -26.77 8.68
CA THR C 25 -17.32 -27.52 7.74
C THR C 25 -17.62 -28.94 8.27
N VAL C 26 -18.89 -29.34 8.19
CA VAL C 26 -19.27 -30.68 8.58
C VAL C 26 -19.49 -31.44 7.28
N VAL C 27 -18.99 -32.67 7.24
CA VAL C 27 -19.09 -33.51 6.06
C VAL C 27 -19.86 -34.82 6.37
N VAL C 28 -20.99 -35.03 5.69
CA VAL C 28 -21.73 -36.28 5.84
C VAL C 28 -21.53 -37.13 4.60
N GLU C 29 -20.93 -38.31 4.79
CA GLU C 29 -20.73 -39.27 3.69
C GLU C 29 -21.77 -40.39 3.80
N THR C 30 -22.11 -41.02 2.69
CA THR C 30 -23.17 -42.04 2.64
C THR C 30 -22.66 -43.24 1.81
N ASN C 31 -23.34 -44.40 1.88
CA ASN C 31 -22.90 -45.59 1.10
C ASN C 31 -22.93 -45.38 -0.41
N GLU C 32 -23.92 -44.64 -0.88
CA GLU C 32 -24.09 -44.30 -2.27
C GLU C 32 -22.96 -43.40 -2.77
N GLY C 33 -22.15 -42.91 -1.85
CA GLY C 33 -21.11 -41.98 -2.26
C GLY C 33 -21.72 -40.63 -2.60
N VAL C 34 -22.89 -40.34 -2.03
CA VAL C 34 -23.45 -39.00 -2.16
C VAL C 34 -23.06 -38.24 -0.92
N THR C 35 -22.29 -37.17 -1.07
CA THR C 35 -21.69 -36.49 0.07
C THR C 35 -22.34 -35.11 0.34
N GLY C 36 -22.62 -34.83 1.60
CA GLY C 36 -23.20 -33.58 2.01
C GLY C 36 -22.25 -32.69 2.77
N PHE C 37 -22.39 -31.38 2.56
CA PHE C 37 -21.57 -30.35 3.21
C PHE C 37 -22.44 -29.35 3.95
N GLY C 38 -22.01 -28.99 5.17
CA GLY C 38 -22.69 -28.06 6.03
C GLY C 38 -21.73 -27.14 6.80
N CYS C 39 -22.24 -26.01 7.26
CA CYS C 39 -21.47 -24.99 7.90
C CYS C 39 -21.82 -24.84 9.39
N ALA C 40 -20.82 -24.90 10.24
CA ALA C 40 -20.96 -24.45 11.63
C ALA C 40 -20.11 -23.19 11.83
N THR C 41 -20.53 -22.28 12.71
CA THR C 41 -19.76 -21.05 12.89
C THR C 41 -19.68 -20.72 14.35
N PHE C 42 -18.55 -21.02 14.99
CA PHE C 42 -18.33 -20.62 16.38
C PHE C 42 -16.86 -20.23 16.57
N GLN C 43 -16.49 -19.04 16.12
CA GLN C 43 -15.06 -18.72 16.02
C GLN C 43 -14.42 -18.64 17.41
N GLN C 44 -15.08 -17.94 18.32
CA GLN C 44 -14.61 -17.87 19.70
C GLN C 44 -14.41 -19.28 20.29
N ARG C 45 -15.03 -20.29 19.68
CA ARG C 45 -15.03 -21.65 20.26
C ARG C 45 -15.02 -22.83 19.24
N PRO C 46 -14.15 -22.78 18.21
CA PRO C 46 -14.12 -23.79 17.13
C PRO C 46 -14.04 -25.22 17.64
N LEU C 47 -13.41 -25.38 18.78
CA LEU C 47 -13.01 -26.71 19.22
C LEU C 47 -14.17 -27.45 19.91
N ALA C 48 -14.97 -26.68 20.64
CA ALA C 48 -16.16 -27.21 21.30
C ALA C 48 -17.11 -27.85 20.26
N VAL C 49 -17.35 -27.14 19.17
CA VAL C 49 -18.19 -27.64 18.09
C VAL C 49 -17.61 -28.95 17.55
N LYS C 50 -16.31 -28.96 17.23
CA LYS C 50 -15.69 -30.14 16.60
C LYS C 50 -15.79 -31.41 17.48
N THR C 51 -15.59 -31.23 18.79
CA THR C 51 -15.73 -32.35 19.77
C THR C 51 -17.19 -32.85 19.79
N MET C 52 -18.13 -31.90 19.67
CA MET C 52 -19.53 -32.21 19.76
C MET C 52 -19.89 -33.06 18.56
N VAL C 53 -19.42 -32.67 17.37
CA VAL C 53 -19.64 -33.47 16.17
C VAL C 53 -18.90 -34.83 16.26
N ASP C 54 -17.61 -34.79 16.59
CA ASP C 54 -16.78 -36.01 16.43
C ASP C 54 -17.24 -37.15 17.31
N GLU C 55 -17.44 -36.89 18.59
CA GLU C 55 -17.73 -38.00 19.49
C GLU C 55 -19.04 -37.93 20.20
N TYR C 56 -19.93 -37.06 19.74
CA TYR C 56 -21.28 -37.13 20.21
C TYR C 56 -22.27 -37.26 19.04
N LEU C 57 -22.11 -36.46 17.99
CA LEU C 57 -23.08 -36.57 16.91
C LEU C 57 -22.84 -37.84 16.09
N LYS C 58 -21.59 -38.11 15.80
CA LYS C 58 -21.28 -39.13 14.79
C LYS C 58 -21.71 -40.55 15.18
N PRO C 59 -21.50 -40.93 16.45
CA PRO C 59 -21.98 -42.22 16.91
C PRO C 59 -23.47 -42.42 16.68
N ILE C 60 -24.31 -41.43 17.02
CA ILE C 60 -25.77 -41.62 16.90
C ILE C 60 -26.28 -41.48 15.46
N LEU C 61 -25.38 -41.11 14.54
CA LEU C 61 -25.71 -40.92 13.14
C LEU C 61 -25.29 -42.08 12.23
N ILE C 62 -24.12 -42.65 12.46
CA ILE C 62 -23.68 -43.72 11.56
C ILE C 62 -24.71 -44.87 11.45
N GLY C 63 -24.90 -45.37 10.23
CA GLY C 63 -25.98 -46.33 9.96
C GLY C 63 -27.33 -45.71 9.62
N LYS C 64 -27.52 -44.43 9.88
CA LYS C 64 -28.90 -43.92 9.77
C LYS C 64 -29.31 -43.52 8.36
N ASN C 65 -30.61 -43.53 8.16
CA ASN C 65 -31.22 -43.06 6.94
C ASN C 65 -31.32 -41.51 6.85
N ALA C 66 -30.34 -40.92 6.17
CA ALA C 66 -30.27 -39.50 5.84
C ALA C 66 -31.53 -38.95 5.17
N ASN C 67 -32.40 -39.81 4.63
CA ASN C 67 -33.55 -39.29 3.92
C ASN C 67 -34.51 -38.53 4.87
N ASN C 68 -34.59 -38.99 6.11
CA ASN C 68 -35.59 -38.43 7.02
C ASN C 68 -35.00 -37.32 7.87
N ILE C 69 -34.80 -36.15 7.24
CA ILE C 69 -34.04 -35.06 7.86
C ILE C 69 -34.70 -34.61 9.19
N GLU C 70 -36.01 -34.35 9.21
CA GLU C 70 -36.56 -33.79 10.47
C GLU C 70 -36.50 -34.83 11.60
N ASP C 71 -36.69 -36.10 11.25
CA ASP C 71 -36.58 -37.14 12.27
C ASP C 71 -35.22 -37.12 12.92
N LEU C 72 -34.18 -37.00 12.08
CA LEU C 72 -32.84 -37.02 12.53
C LEU C 72 -32.55 -35.70 13.29
N TRP C 73 -33.09 -34.56 12.81
CA TRP C 73 -33.05 -33.29 13.56
C TRP C 73 -33.59 -33.37 14.98
N GLN C 74 -34.80 -33.91 15.14
CA GLN C 74 -35.49 -33.95 16.42
C GLN C 74 -34.66 -34.85 17.35
N MET C 75 -34.24 -35.96 16.80
CA MET C 75 -33.41 -36.85 17.56
C MET C 75 -32.07 -36.23 18.07
N MET C 76 -31.32 -35.57 17.19
CA MET C 76 -30.07 -34.92 17.60
C MET C 76 -30.42 -33.85 18.68
N MET C 77 -31.47 -33.05 18.44
CA MET C 77 -31.74 -31.88 19.30
C MET C 77 -32.00 -32.27 20.77
N VAL C 78 -32.52 -33.49 21.02
CA VAL C 78 -32.90 -33.88 22.39
C VAL C 78 -31.97 -34.91 22.98
N ASN C 79 -30.95 -35.25 22.20
CA ASN C 79 -30.09 -36.38 22.53
C ASN C 79 -29.28 -36.23 23.82
N ALA C 80 -28.84 -35.00 24.10
CA ALA C 80 -28.04 -34.72 25.28
C ALA C 80 -28.99 -34.45 26.43
N TYR C 81 -30.27 -34.42 26.12
CA TYR C 81 -31.27 -34.17 27.17
C TYR C 81 -31.31 -32.68 27.51
N TRP C 82 -30.22 -32.14 28.06
CA TRP C 82 -30.14 -30.69 28.05
C TRP C 82 -29.99 -30.26 26.60
N ARG C 83 -30.50 -29.08 26.26
CA ARG C 83 -30.61 -28.67 24.86
C ARG C 83 -30.54 -27.14 24.63
N ASN C 84 -30.51 -26.72 23.37
CA ASN C 84 -30.44 -25.31 22.97
C ASN C 84 -29.24 -24.48 23.47
N GLY C 85 -28.17 -24.46 22.73
CA GLY C 85 -27.13 -23.52 23.10
C GLY C 85 -26.25 -23.49 21.88
N PRO C 86 -25.22 -22.66 21.93
CA PRO C 86 -24.35 -22.30 20.81
C PRO C 86 -23.56 -23.48 20.32
N VAL C 87 -23.15 -24.37 21.23
CA VAL C 87 -22.22 -25.43 20.86
C VAL C 87 -22.99 -26.56 20.17
N ILE C 88 -24.05 -27.03 20.82
CA ILE C 88 -24.88 -28.09 20.28
C ILE C 88 -25.61 -27.70 18.99
N ASN C 89 -26.29 -26.55 18.98
CA ASN C 89 -27.02 -26.19 17.77
C ASN C 89 -26.10 -26.01 16.57
N ASN C 90 -24.92 -25.47 16.77
CA ASN C 90 -23.99 -25.35 15.67
C ASN C 90 -23.58 -26.66 15.06
N ALA C 91 -23.25 -27.61 15.93
CA ALA C 91 -22.87 -28.95 15.55
C ALA C 91 -23.99 -29.64 14.75
N ILE C 92 -25.21 -29.62 15.33
CA ILE C 92 -26.40 -30.16 14.68
C ILE C 92 -26.73 -29.42 13.36
N SER C 93 -26.55 -28.11 13.34
CA SER C 93 -26.79 -27.34 12.11
C SER C 93 -25.88 -27.75 10.92
N GLY C 94 -24.62 -28.07 11.19
CA GLY C 94 -23.71 -28.51 10.11
C GLY C 94 -24.20 -29.81 9.52
N VAL C 95 -24.66 -30.70 10.40
CA VAL C 95 -25.23 -32.00 9.92
C VAL C 95 -26.55 -31.76 9.23
N ASP C 96 -27.43 -30.97 9.84
CA ASP C 96 -28.73 -30.70 9.20
C ASP C 96 -28.51 -30.18 7.76
N MET C 97 -27.62 -29.21 7.61
CA MET C 97 -27.32 -28.62 6.31
C MET C 97 -26.79 -29.64 5.32
N ALA C 98 -25.88 -30.49 5.80
CA ALA C 98 -25.36 -31.64 5.02
C ALA C 98 -26.45 -32.60 4.58
N LEU C 99 -27.42 -32.86 5.45
CA LEU C 99 -28.51 -33.77 5.09
C LEU C 99 -29.36 -33.18 3.98
N TRP C 100 -29.68 -31.89 4.09
CA TRP C 100 -30.39 -31.15 3.03
C TRP C 100 -29.62 -31.16 1.70
N ASP C 101 -28.30 -30.94 1.79
CA ASP C 101 -27.41 -31.02 0.64
C ASP C 101 -27.55 -32.41 -0.01
N ILE C 102 -27.52 -33.48 0.78
CA ILE C 102 -27.62 -34.82 0.19
C ILE C 102 -28.91 -34.95 -0.59
N LYS C 103 -29.99 -34.54 0.07
CA LYS C 103 -31.36 -34.65 -0.51
C LYS C 103 -31.46 -33.88 -1.83
N ALA C 104 -30.89 -32.67 -1.89
CA ALA C 104 -30.94 -31.88 -3.10
C ALA C 104 -30.12 -32.51 -4.24
N LYS C 105 -28.94 -33.07 -3.91
CA LYS C 105 -28.19 -33.81 -4.92
C LYS C 105 -29.01 -35.04 -5.37
N LEU C 106 -29.55 -35.79 -4.41
CA LEU C 106 -30.40 -36.90 -4.79
C LEU C 106 -31.50 -36.45 -5.75
N ALA C 107 -32.06 -35.27 -5.50
CA ALA C 107 -33.15 -34.78 -6.33
C ALA C 107 -32.65 -34.17 -7.66
N GLY C 108 -31.33 -34.10 -7.83
CA GLY C 108 -30.73 -33.46 -9.01
C GLY C 108 -31.17 -31.98 -9.08
N MET C 109 -31.36 -31.32 -7.94
CA MET C 109 -31.82 -29.95 -8.06
C MET C 109 -31.11 -28.97 -7.13
N PRO C 110 -31.14 -27.67 -7.47
CA PRO C 110 -30.65 -26.62 -6.53
C PRO C 110 -31.41 -26.72 -5.23
N LEU C 111 -30.74 -26.51 -4.10
CA LEU C 111 -31.42 -26.61 -2.80
C LEU C 111 -32.70 -25.81 -2.75
N HIS C 112 -32.68 -24.59 -3.27
CA HIS C 112 -33.91 -23.80 -3.14
C HIS C 112 -35.04 -24.38 -4.02
N GLN C 113 -34.70 -25.18 -5.04
CA GLN C 113 -35.76 -25.77 -5.85
C GLN C 113 -36.48 -26.88 -5.10
N LEU C 114 -35.66 -27.66 -4.38
CA LEU C 114 -36.13 -28.70 -3.46
C LEU C 114 -37.14 -28.14 -2.46
N PHE C 115 -36.82 -26.97 -1.88
CA PHE C 115 -37.74 -26.27 -0.99
C PHE C 115 -39.07 -25.97 -1.62
N GLY C 116 -39.10 -25.76 -2.93
CA GLY C 116 -40.35 -25.41 -3.59
C GLY C 116 -40.19 -24.34 -4.64
N GLY C 117 -38.96 -23.85 -4.87
CA GLY C 117 -38.71 -22.84 -5.90
C GLY C 117 -38.39 -21.42 -5.45
N LYS C 118 -38.22 -20.52 -6.42
CA LYS C 118 -37.89 -19.13 -6.08
C LYS C 118 -39.13 -18.29 -5.84
N SER C 119 -39.04 -17.43 -4.83
CA SER C 119 -39.95 -16.29 -4.68
C SER C 119 -39.42 -15.06 -5.37
N ARG C 120 -38.11 -15.01 -5.60
CA ARG C 120 -37.49 -13.82 -6.21
C ARG C 120 -36.24 -14.27 -6.93
N ASP C 121 -35.69 -13.42 -7.80
CA ASP C 121 -34.55 -13.83 -8.64
C ASP C 121 -33.19 -13.78 -7.90
N ALA C 122 -33.11 -12.97 -6.85
CA ALA C 122 -31.86 -12.72 -6.17
C ALA C 122 -32.23 -12.00 -4.90
N ILE C 123 -31.31 -11.98 -3.92
CA ILE C 123 -31.53 -11.24 -2.69
C ILE C 123 -30.58 -10.05 -2.60
N PRO C 124 -31.11 -8.87 -2.22
CA PRO C 124 -30.19 -7.76 -2.04
C PRO C 124 -29.18 -8.03 -0.92
N VAL C 125 -28.04 -7.33 -0.98
CA VAL C 125 -26.95 -7.49 -0.01
C VAL C 125 -26.67 -6.17 0.77
N TYR C 126 -26.34 -6.25 2.07
CA TYR C 126 -25.81 -5.07 2.77
C TYR C 126 -24.38 -5.26 3.21
N THR C 127 -23.65 -4.15 3.26
CA THR C 127 -22.25 -4.13 3.60
C THR C 127 -22.09 -3.33 4.91
N HIS C 128 -20.85 -3.25 5.39
CA HIS C 128 -20.49 -2.62 6.67
C HIS C 128 -19.53 -1.43 6.46
N ALA C 129 -19.95 -0.25 6.92
CA ALA C 129 -19.09 0.94 6.97
C ALA C 129 -18.92 1.33 8.44
N THR C 130 -17.78 1.01 9.00
CA THR C 130 -17.49 1.36 10.38
C THR C 130 -16.24 2.21 10.38
N SER C 131 -16.28 3.39 11.00
CA SER C 131 -15.08 4.18 11.14
C SER C 131 -15.22 5.01 12.39
N ASP C 132 -14.11 5.59 12.87
CA ASP C 132 -14.12 6.57 13.98
C ASP C 132 -14.50 8.03 13.59
N THR C 133 -14.61 8.35 12.31
CA THR C 133 -14.91 9.74 11.92
C THR C 133 -15.87 9.71 10.74
N MET C 134 -16.58 10.82 10.54
CA MET C 134 -17.59 10.88 9.47
C MET C 134 -16.86 10.75 8.13
N GLU C 135 -15.65 11.35 8.05
CA GLU C 135 -14.84 11.27 6.84
C GLU C 135 -14.63 9.82 6.47
N GLY C 136 -14.17 9.02 7.45
CA GLY C 136 -13.98 7.57 7.22
C GLY C 136 -15.25 6.88 6.76
N ILE C 137 -16.37 7.22 7.38
CA ILE C 137 -17.66 6.59 6.95
C ILE C 137 -18.05 7.01 5.50
N TYR C 138 -17.92 8.29 5.16
CA TYR C 138 -18.12 8.70 3.75
C TYR C 138 -17.30 7.89 2.81
N ASP C 139 -15.96 7.91 2.97
CA ASP C 139 -15.03 7.10 2.18
C ASP C 139 -15.57 5.70 1.94
N LEU C 140 -16.02 5.04 3.01
CA LEU C 140 -16.46 3.66 2.89
C LEU C 140 -17.80 3.57 2.14
N VAL C 141 -18.74 4.47 2.47
CA VAL C 141 -20.09 4.47 1.85
C VAL C 141 -19.96 4.63 0.34
N GLU C 142 -19.12 5.59 -0.07
CA GLU C 142 -19.03 5.89 -1.49
C GLU C 142 -18.46 4.73 -2.28
N GLY C 143 -17.48 4.01 -1.71
CA GLY C 143 -17.00 2.81 -2.39
C GLY C 143 -18.10 1.76 -2.55
N PHE C 144 -18.94 1.59 -1.52
CA PHE C 144 -20.04 0.61 -1.62
C PHE C 144 -21.07 1.05 -2.66
N LEU C 145 -21.43 2.33 -2.62
CA LEU C 145 -22.34 2.88 -3.62
C LEU C 145 -21.80 2.57 -5.03
N GLU C 146 -20.52 2.82 -5.27
CA GLU C 146 -19.98 2.66 -6.62
C GLU C 146 -20.18 1.20 -7.06
N LYS C 147 -20.14 0.27 -6.10
CA LYS C 147 -20.31 -1.14 -6.44
C LYS C 147 -21.76 -1.64 -6.56
N GLY C 148 -22.72 -0.72 -6.45
CA GLY C 148 -24.12 -1.08 -6.60
C GLY C 148 -24.88 -1.41 -5.30
N TYR C 149 -24.20 -1.42 -4.15
CA TYR C 149 -24.93 -1.64 -2.88
C TYR C 149 -25.88 -0.49 -2.57
N LYS C 150 -27.06 -0.83 -2.06
CA LYS C 150 -28.10 0.13 -1.73
C LYS C 150 -28.48 0.02 -0.24
N HIS C 151 -27.80 -0.82 0.52
CA HIS C 151 -28.04 -0.98 1.97
C HIS C 151 -26.67 -1.06 2.64
N ILE C 152 -26.44 -0.28 3.69
CA ILE C 152 -25.13 -0.28 4.32
C ILE C 152 -25.31 -0.10 5.84
N ARG C 153 -24.69 -0.97 6.62
CA ARG C 153 -24.74 -0.81 8.06
C ARG C 153 -23.64 0.19 8.44
N CYS C 154 -24.02 1.29 9.10
CA CYS C 154 -23.06 2.37 9.41
C CYS C 154 -22.93 2.53 10.92
N GLN C 155 -21.68 2.45 11.38
CA GLN C 155 -21.30 2.46 12.80
C GLN C 155 -20.20 3.52 12.98
N LEU C 156 -20.46 4.51 13.81
CA LEU C 156 -19.49 5.59 13.97
C LEU C 156 -18.93 5.31 15.31
N GLY C 157 -17.77 4.64 15.31
CA GLY C 157 -16.99 4.48 16.52
C GLY C 157 -16.76 3.05 16.96
N PHE C 158 -17.12 2.07 16.12
CA PHE C 158 -16.55 0.71 16.27
C PHE C 158 -17.13 -0.08 17.44
N ASP C 179 -20.86 8.96 27.61
CA ASP C 179 -20.35 7.63 27.17
C ASP C 179 -21.37 6.81 26.34
N GLN C 180 -22.38 6.25 27.01
CA GLN C 180 -23.64 5.90 26.31
C GLN C 180 -24.21 7.20 25.68
N ASP C 181 -24.15 8.32 26.40
CA ASP C 181 -24.66 9.57 25.85
C ASP C 181 -23.85 10.03 24.62
N GLN C 182 -22.51 9.96 24.72
CA GLN C 182 -21.64 10.27 23.59
C GLN C 182 -21.96 9.32 22.40
N TYR C 183 -22.15 8.04 22.68
CA TYR C 183 -22.44 7.13 21.58
C TYR C 183 -23.81 7.55 20.96
N MET C 184 -24.80 7.85 21.79
CA MET C 184 -26.12 8.15 21.25
C MET C 184 -26.08 9.45 20.44
N ASP C 185 -25.41 10.46 21.01
CA ASP C 185 -25.19 11.73 20.34
C ASP C 185 -24.46 11.59 19.00
N ASN C 186 -23.33 10.89 18.98
CA ASN C 186 -22.60 10.77 17.72
C ASN C 186 -23.40 9.99 16.68
N THR C 187 -24.19 9.02 17.13
CA THR C 187 -24.92 8.16 16.19
C THR C 187 -26.06 8.92 15.52
N LEU C 188 -26.74 9.74 16.31
CA LEU C 188 -27.77 10.56 15.76
C LEU C 188 -27.07 11.55 14.80
N THR C 189 -25.98 12.18 15.23
CA THR C 189 -25.20 13.04 14.29
C THR C 189 -24.83 12.27 13.00
N MET C 190 -24.36 11.03 13.13
CA MET C 190 -24.09 10.15 11.96
C MET C 190 -25.36 10.03 11.06
N PHE C 191 -26.50 9.63 11.65
CA PHE C 191 -27.70 9.50 10.80
C PHE C 191 -28.03 10.85 10.14
N LYS C 192 -27.96 11.91 10.93
CA LYS C 192 -28.28 13.22 10.39
C LYS C 192 -27.35 13.63 9.22
N SER C 193 -26.02 13.46 9.39
CA SER C 193 -25.08 13.86 8.32
C SER C 193 -25.21 12.97 7.08
N LEU C 194 -25.50 11.69 7.30
CA LEU C 194 -25.67 10.77 6.19
C LEU C 194 -26.88 11.14 5.33
N ARG C 195 -28.02 11.46 5.96
CA ARG C 195 -29.20 11.95 5.21
C ARG C 195 -28.93 13.29 4.50
N GLU C 196 -28.15 14.16 5.13
CA GLU C 196 -27.83 15.44 4.53
C GLU C 196 -26.96 15.32 3.29
N LYS C 197 -26.06 14.36 3.34
CA LYS C 197 -25.07 14.16 2.30
C LYS C 197 -25.60 13.27 1.17
N TYR C 198 -26.37 12.23 1.50
CA TYR C 198 -26.76 11.19 0.56
C TYR C 198 -28.26 11.05 0.38
N GLY C 199 -29.03 11.83 1.15
CA GLY C 199 -30.48 11.70 1.14
C GLY C 199 -30.92 10.24 1.16
N ASN C 200 -31.57 9.80 0.08
CA ASN C 200 -32.20 8.47 0.05
C ASN C 200 -31.47 7.50 -0.89
N GLN C 201 -30.22 7.82 -1.21
CA GLN C 201 -29.42 6.97 -2.10
C GLN C 201 -29.21 5.56 -1.58
N PHE C 202 -29.30 5.41 -0.26
CA PHE C 202 -29.21 4.05 0.28
C PHE C 202 -29.93 3.96 1.60
N HIS C 203 -30.28 2.73 1.95
CA HIS C 203 -30.81 2.40 3.27
C HIS C 203 -29.71 2.29 4.34
N ILE C 204 -29.98 2.75 5.55
CA ILE C 204 -28.93 2.82 6.57
C ILE C 204 -29.29 1.90 7.73
N LEU C 205 -28.45 0.92 7.99
CA LEU C 205 -28.72 -0.02 9.08
C LEU C 205 -27.83 0.38 10.29
N HIS C 206 -28.25 0.06 11.51
CA HIS C 206 -27.35 0.38 12.65
C HIS C 206 -27.62 -0.66 13.75
N ASP C 207 -26.54 -1.16 14.34
CA ASP C 207 -26.63 -2.08 15.43
C ASP C 207 -26.26 -1.37 16.73
N VAL C 208 -27.16 -1.36 17.69
CA VAL C 208 -26.91 -0.64 18.97
C VAL C 208 -26.08 -1.56 19.89
N HIS C 209 -26.04 -2.85 19.57
CA HIS C 209 -25.22 -3.81 20.35
C HIS C 209 -25.56 -3.83 21.86
N GLU C 210 -26.82 -3.59 22.25
CA GLU C 210 -27.23 -3.74 23.64
C GLU C 210 -26.50 -2.78 24.54
N ARG C 211 -26.02 -1.65 24.02
CA ARG C 211 -25.22 -0.71 24.82
C ARG C 211 -26.04 0.27 25.69
N LEU C 212 -27.36 0.24 25.55
CA LEU C 212 -28.23 1.22 26.22
C LEU C 212 -29.10 0.60 27.31
N PHE C 213 -29.30 1.35 28.37
CA PHE C 213 -30.40 1.06 29.30
C PHE C 213 -31.79 1.21 28.60
N PRO C 214 -32.83 0.51 29.09
CA PRO C 214 -34.14 0.65 28.44
C PRO C 214 -34.62 2.07 28.35
N ASN C 215 -34.45 2.86 29.40
CA ASN C 215 -34.95 4.24 29.21
C ASN C 215 -34.14 4.96 28.09
N GLN C 216 -32.85 4.65 27.99
CA GLN C 216 -32.09 5.32 26.95
C GLN C 216 -32.53 4.76 25.61
N ALA C 217 -32.84 3.45 25.58
CA ALA C 217 -33.29 2.84 24.30
C ALA C 217 -34.55 3.54 23.74
N ILE C 218 -35.52 3.78 24.60
CA ILE C 218 -36.76 4.37 24.13
C ILE C 218 -36.50 5.81 23.59
N GLN C 219 -35.65 6.56 24.32
CA GLN C 219 -35.34 7.90 23.93
C GLN C 219 -34.69 7.88 22.54
N PHE C 220 -33.66 7.04 22.38
CA PHE C 220 -32.97 6.89 21.09
C PHE C 220 -33.91 6.46 19.93
N ALA C 221 -34.82 5.54 20.22
CA ALA C 221 -35.80 5.11 19.23
C ALA C 221 -36.63 6.28 18.74
N LYS C 222 -37.05 7.17 19.65
CA LYS C 222 -37.84 8.35 19.23
C LYS C 222 -37.00 9.36 18.46
N GLU C 223 -35.72 9.52 18.85
CA GLU C 223 -34.91 10.54 18.23
C GLU C 223 -34.43 10.13 16.84
N VAL C 224 -34.21 8.83 16.63
CA VAL C 224 -33.63 8.33 15.40
C VAL C 224 -34.72 8.06 14.37
N GLU C 225 -35.99 8.02 14.81
CA GLU C 225 -37.10 7.75 13.93
C GLU C 225 -37.06 8.63 12.67
N GLN C 226 -36.89 9.94 12.83
CA GLN C 226 -36.98 10.85 11.68
C GLN C 226 -35.97 10.44 10.61
N TYR C 227 -34.93 9.70 10.97
CA TYR C 227 -33.91 9.41 9.94
C TYR C 227 -34.17 8.11 9.19
N LYS C 228 -35.25 7.46 9.56
CA LYS C 228 -35.71 6.26 8.86
C LYS C 228 -34.69 5.16 8.61
N PRO C 229 -34.07 4.67 9.69
CA PRO C 229 -33.16 3.52 9.49
C PRO C 229 -33.89 2.34 8.90
N TYR C 230 -33.21 1.57 8.08
CA TYR C 230 -33.75 0.33 7.57
C TYR C 230 -34.15 -0.60 8.77
N PHE C 231 -33.26 -0.72 9.76
CA PHE C 231 -33.61 -1.18 11.08
C PHE C 231 -32.49 -0.78 12.02
N ILE C 232 -32.87 -0.71 13.30
CA ILE C 232 -31.98 -0.55 14.41
C ILE C 232 -31.96 -1.94 15.08
N GLU C 233 -30.78 -2.53 15.15
CA GLU C 233 -30.60 -3.86 15.69
C GLU C 233 -30.17 -3.81 17.17
N ASP C 234 -30.59 -4.79 17.97
CA ASP C 234 -30.19 -4.91 19.36
C ASP C 234 -30.27 -3.62 20.19
N ILE C 235 -31.43 -2.98 20.15
CA ILE C 235 -31.59 -1.66 20.79
C ILE C 235 -31.71 -1.78 22.34
N LEU C 236 -32.16 -2.96 22.81
CA LEU C 236 -32.31 -3.25 24.26
C LEU C 236 -31.23 -4.21 24.81
N PRO C 237 -30.95 -4.14 26.13
CA PRO C 237 -30.21 -5.25 26.78
C PRO C 237 -30.92 -6.55 26.60
N PRO C 238 -30.15 -7.65 26.63
CA PRO C 238 -30.63 -8.85 25.96
C PRO C 238 -31.88 -9.54 26.54
N ASN C 239 -32.15 -9.39 27.85
CA ASN C 239 -33.36 -9.99 28.44
C ASN C 239 -34.37 -8.88 28.94
N GLN C 240 -34.65 -7.92 28.05
CA GLN C 240 -35.46 -6.75 28.38
C GLN C 240 -36.41 -6.49 27.23
N THR C 241 -36.79 -7.57 26.55
CA THR C 241 -37.57 -7.40 25.34
C THR C 241 -38.97 -6.90 25.71
N GLU C 242 -39.34 -7.10 26.97
CA GLU C 242 -40.61 -6.61 27.50
C GLU C 242 -40.72 -5.06 27.31
N TRP C 243 -39.56 -4.39 27.20
CA TRP C 243 -39.54 -2.96 27.02
C TRP C 243 -39.89 -2.56 25.59
N LEU C 244 -39.91 -3.51 24.65
CA LEU C 244 -40.31 -3.27 23.28
C LEU C 244 -41.71 -2.64 23.13
N ASP C 245 -42.67 -3.04 23.97
CA ASP C 245 -44.02 -2.50 23.87
C ASP C 245 -43.94 -1.01 24.15
N ASN C 246 -43.05 -0.59 25.05
CA ASN C 246 -42.94 0.84 25.36
C ASN C 246 -42.48 1.61 24.11
N ILE C 247 -41.45 1.07 23.50
CA ILE C 247 -40.96 1.64 22.23
C ILE C 247 -42.04 1.66 21.14
N ARG C 248 -42.67 0.54 20.89
CA ARG C 248 -43.58 0.35 19.73
C ARG C 248 -44.88 1.11 19.88
N SER C 249 -45.20 1.57 21.09
CA SER C 249 -46.37 2.38 21.25
C SER C 249 -46.07 3.89 20.95
N GLN C 250 -44.81 4.26 20.79
CA GLN C 250 -44.47 5.69 20.64
C GLN C 250 -43.61 6.00 19.43
N SER C 251 -42.89 4.99 18.93
CA SER C 251 -42.01 5.18 17.79
C SER C 251 -42.33 4.21 16.63
N SER C 252 -42.22 4.66 15.37
CA SER C 252 -42.32 3.80 14.18
C SER C 252 -40.97 3.21 13.75
N VAL C 253 -39.92 3.44 14.53
CA VAL C 253 -38.58 2.95 14.13
C VAL C 253 -38.59 1.38 13.87
N SER C 254 -38.06 0.90 12.73
CA SER C 254 -37.97 -0.54 12.47
C SER C 254 -36.89 -1.22 13.30
N LEU C 255 -37.19 -2.42 13.79
CA LEU C 255 -36.33 -3.01 14.82
C LEU C 255 -35.90 -4.41 14.38
N GLY C 256 -34.61 -4.77 14.54
CA GLY C 256 -34.22 -6.15 14.34
C GLY C 256 -33.65 -6.74 15.62
N LEU C 257 -33.91 -8.02 15.86
CA LEU C 257 -33.31 -8.74 17.02
C LEU C 257 -33.12 -10.16 16.58
N GLY C 258 -32.30 -10.90 17.33
CA GLY C 258 -32.28 -12.35 17.23
C GLY C 258 -30.86 -12.82 17.01
N GLU C 259 -29.92 -11.89 16.77
CA GLU C 259 -28.53 -12.31 16.44
C GLU C 259 -27.93 -13.42 17.31
N LEU C 260 -28.08 -13.31 18.63
CA LEU C 260 -27.53 -14.36 19.53
C LEU C 260 -28.53 -15.44 19.94
N PHE C 261 -29.74 -15.45 19.35
CA PHE C 261 -30.72 -16.46 19.79
C PHE C 261 -30.24 -17.87 19.45
N ASN C 262 -30.47 -18.83 20.37
CA ASN C 262 -30.32 -20.27 20.05
C ASN C 262 -31.56 -21.07 20.55
N ASN C 263 -32.60 -20.35 21.03
CA ASN C 263 -33.69 -20.95 21.80
C ASN C 263 -35.09 -20.41 21.40
N PRO C 264 -36.03 -21.30 21.01
CA PRO C 264 -37.33 -20.76 20.52
C PRO C 264 -37.97 -19.78 21.48
N GLU C 265 -37.71 -19.94 22.79
CA GLU C 265 -38.33 -19.02 23.78
C GLU C 265 -37.90 -17.59 23.53
N GLU C 266 -36.74 -17.41 22.87
CA GLU C 266 -36.19 -16.08 22.56
C GLU C 266 -36.94 -15.39 21.43
N TRP C 267 -37.59 -16.15 20.54
CA TRP C 267 -38.23 -15.50 19.37
C TRP C 267 -39.76 -15.69 19.30
N LYS C 268 -40.30 -16.70 19.96
CA LYS C 268 -41.74 -17.04 19.84
C LYS C 268 -42.70 -15.90 20.21
N SER C 269 -42.59 -15.33 21.41
CA SER C 269 -43.48 -14.27 21.82
C SER C 269 -43.13 -12.95 21.13
N LEU C 270 -41.87 -12.78 20.77
CA LEU C 270 -41.36 -11.58 20.08
C LEU C 270 -42.10 -11.41 18.74
N ILE C 271 -42.11 -12.50 17.98
CA ILE C 271 -42.77 -12.48 16.68
C ILE C 271 -44.32 -12.51 16.80
N ALA C 272 -44.88 -13.33 17.70
CA ALA C 272 -46.34 -13.43 17.80
C ALA C 272 -46.94 -12.07 18.18
N ASN C 273 -46.15 -11.27 18.88
CA ASN C 273 -46.65 -9.97 19.37
C ASN C 273 -46.16 -8.78 18.53
N ARG C 274 -45.51 -9.07 17.41
CA ARG C 274 -45.16 -8.04 16.45
C ARG C 274 -44.22 -7.04 17.11
N ARG C 275 -43.27 -7.55 17.90
CA ARG C 275 -42.40 -6.64 18.65
C ARG C 275 -41.12 -6.26 17.92
N ILE C 276 -40.91 -6.85 16.75
CA ILE C 276 -39.81 -6.56 15.91
C ILE C 276 -40.31 -6.61 14.42
N ASP C 277 -39.47 -6.06 13.54
CA ASP C 277 -39.74 -6.00 12.13
C ASP C 277 -38.84 -6.92 11.29
N PHE C 278 -37.63 -7.21 11.77
CA PHE C 278 -36.69 -8.12 11.12
C PHE C 278 -36.18 -9.16 12.14
N ILE C 279 -36.20 -10.43 11.77
CA ILE C 279 -35.56 -11.44 12.59
C ILE C 279 -34.15 -11.56 12.08
N ARG C 280 -33.18 -11.73 12.98
CA ARG C 280 -31.76 -11.59 12.64
C ARG C 280 -30.98 -12.80 13.15
N CYS C 281 -31.67 -13.89 13.40
CA CYS C 281 -30.99 -15.11 13.87
C CYS C 281 -29.93 -15.55 12.86
N HIS C 282 -28.91 -16.27 13.34
CA HIS C 282 -27.93 -17.01 12.53
C HIS C 282 -28.49 -18.42 12.33
N VAL C 283 -28.57 -18.86 11.09
CA VAL C 283 -29.16 -20.11 10.81
C VAL C 283 -28.50 -21.26 11.55
N SER C 284 -27.18 -21.24 11.62
CA SER C 284 -26.50 -22.24 12.38
C SER C 284 -26.75 -22.18 13.89
N GLN C 285 -27.04 -21.02 14.46
CA GLN C 285 -27.28 -20.95 15.94
C GLN C 285 -28.60 -21.51 16.40
N ILE C 286 -29.56 -21.58 15.49
CA ILE C 286 -30.89 -22.07 15.85
C ILE C 286 -31.11 -23.50 15.39
N GLY C 287 -30.07 -24.13 14.84
CA GLY C 287 -30.12 -25.54 14.48
C GLY C 287 -30.17 -25.97 13.01
N GLY C 288 -30.05 -25.06 12.05
CA GLY C 288 -30.02 -25.46 10.64
C GLY C 288 -31.17 -24.95 9.80
N ILE C 289 -31.21 -25.47 8.58
CA ILE C 289 -32.24 -25.26 7.62
C ILE C 289 -33.62 -25.73 8.14
N THR C 290 -33.64 -26.87 8.80
CA THR C 290 -34.91 -27.39 9.27
C THR C 290 -35.67 -26.33 10.13
N PRO C 291 -35.05 -25.85 11.22
CA PRO C 291 -35.79 -24.82 11.95
C PRO C 291 -35.89 -23.47 11.19
N ALA C 292 -34.97 -23.18 10.29
CA ALA C 292 -35.02 -21.91 9.58
C ALA C 292 -36.26 -21.77 8.70
N LEU C 293 -36.61 -22.83 7.97
CA LEU C 293 -37.83 -22.83 7.14
C LEU C 293 -39.06 -22.58 7.98
N LYS C 294 -39.19 -23.24 9.12
CA LYS C 294 -40.39 -23.09 9.92
C LYS C 294 -40.44 -21.66 10.50
N LEU C 295 -39.29 -21.12 10.92
CA LEU C 295 -39.26 -19.75 11.48
C LEU C 295 -39.56 -18.73 10.37
N GLY C 296 -39.03 -18.95 9.16
CA GLY C 296 -39.42 -18.23 7.93
C GLY C 296 -40.93 -18.19 7.68
N HIS C 297 -41.60 -19.34 7.81
CA HIS C 297 -43.04 -19.40 7.61
C HIS C 297 -43.70 -18.63 8.76
N LEU C 298 -43.16 -18.79 9.97
CA LEU C 298 -43.76 -18.09 11.14
C LEU C 298 -43.70 -16.58 10.91
N CYS C 299 -42.60 -16.13 10.32
CA CYS C 299 -42.38 -14.69 10.18
C CYS C 299 -43.38 -14.17 9.19
N GLN C 300 -43.62 -14.96 8.15
CA GLN C 300 -44.59 -14.57 7.11
C GLN C 300 -46.00 -14.40 7.70
N ASN C 301 -46.41 -15.38 8.50
CA ASN C 301 -47.69 -15.30 9.21
C ASN C 301 -47.88 -14.02 10.02
N PHE C 302 -46.82 -13.56 10.66
CA PHE C 302 -46.94 -12.45 11.62
C PHE C 302 -46.49 -11.09 11.05
N GLY C 303 -46.01 -11.11 9.81
CA GLY C 303 -45.65 -9.87 9.09
C GLY C 303 -44.26 -9.35 9.47
N VAL C 304 -43.32 -10.26 9.71
CA VAL C 304 -42.00 -9.89 10.17
C VAL C 304 -41.05 -10.31 9.04
N ARG C 305 -40.07 -9.47 8.70
CA ARG C 305 -39.19 -9.78 7.58
C ARG C 305 -37.97 -10.51 8.06
N ILE C 306 -37.18 -11.05 7.13
CA ILE C 306 -36.11 -11.95 7.55
C ILE C 306 -34.79 -11.45 7.08
N ALA C 307 -33.82 -11.39 8.02
CA ALA C 307 -32.45 -10.98 7.67
C ALA C 307 -31.44 -11.81 8.44
N TRP C 308 -31.27 -13.07 8.06
CA TRP C 308 -30.40 -13.94 8.80
C TRP C 308 -28.97 -13.30 8.90
N HIS C 309 -28.24 -13.51 10.01
CA HIS C 309 -26.83 -13.05 10.04
C HIS C 309 -25.96 -13.91 9.20
N CYS C 310 -25.01 -13.29 8.48
CA CYS C 310 -23.91 -13.99 7.78
C CYS C 310 -22.56 -13.39 8.19
N PRO C 311 -22.07 -13.77 9.39
CA PRO C 311 -20.87 -13.17 10.00
C PRO C 311 -19.61 -13.49 9.22
N PRO C 312 -18.48 -12.82 9.57
CA PRO C 312 -17.21 -12.99 8.90
C PRO C 312 -16.67 -14.41 8.91
N ASP C 313 -17.06 -15.23 9.88
CA ASP C 313 -16.55 -16.60 9.91
C ASP C 313 -17.49 -17.64 9.32
N MET C 314 -18.62 -17.22 8.76
CA MET C 314 -19.46 -18.17 8.00
C MET C 314 -18.68 -18.48 6.73
N THR C 315 -18.68 -19.74 6.33
CA THR C 315 -18.03 -20.17 5.08
C THR C 315 -18.91 -19.92 3.85
N PRO C 316 -18.31 -20.00 2.67
CA PRO C 316 -19.11 -19.94 1.44
C PRO C 316 -20.21 -21.02 1.37
N ILE C 317 -20.09 -22.07 2.19
CA ILE C 317 -21.13 -23.07 2.22
C ILE C 317 -22.36 -22.53 2.98
N GLY C 318 -22.11 -21.88 4.11
CA GLY C 318 -23.21 -21.30 4.86
C GLY C 318 -23.81 -20.21 3.99
N ALA C 319 -22.96 -19.40 3.36
CA ALA C 319 -23.50 -18.27 2.65
C ALA C 319 -24.40 -18.74 1.51
N ALA C 320 -23.99 -19.81 0.85
CA ALA C 320 -24.75 -20.37 -0.28
C ALA C 320 -26.15 -20.88 0.22
N VAL C 321 -26.15 -21.48 1.41
CA VAL C 321 -27.37 -21.93 2.04
C VAL C 321 -28.25 -20.74 2.36
N ASN C 322 -27.68 -19.63 2.84
CA ASN C 322 -28.53 -18.47 3.14
C ASN C 322 -29.15 -17.89 1.86
N THR C 323 -28.38 -17.86 0.79
CA THR C 323 -28.93 -17.38 -0.47
C THR C 323 -30.07 -18.29 -0.99
N HIS C 324 -29.91 -19.62 -0.83
CA HIS C 324 -31.00 -20.53 -1.19
C HIS C 324 -32.22 -20.17 -0.31
N LEU C 325 -32.02 -20.08 1.00
CA LEU C 325 -33.12 -19.65 1.85
C LEU C 325 -33.73 -18.30 1.40
N ASN C 326 -32.91 -17.40 0.91
CA ASN C 326 -33.33 -16.02 0.71
C ASN C 326 -34.06 -15.85 -0.64
N VAL C 327 -33.70 -16.61 -1.66
CA VAL C 327 -34.53 -16.57 -2.88
C VAL C 327 -35.83 -17.37 -2.73
N HIS C 328 -35.84 -18.33 -1.82
CA HIS C 328 -37.05 -19.17 -1.61
C HIS C 328 -38.11 -18.55 -0.68
N LEU C 329 -37.73 -18.27 0.55
CA LEU C 329 -38.72 -17.75 1.58
C LEU C 329 -39.37 -16.39 1.23
N HIS C 330 -40.70 -16.36 1.22
CA HIS C 330 -41.43 -15.17 0.84
C HIS C 330 -40.93 -13.89 1.56
N ASN C 331 -40.71 -13.96 2.88
CA ASN C 331 -40.35 -12.78 3.71
C ASN C 331 -38.84 -12.44 3.86
N ALA C 332 -37.98 -13.13 3.14
CA ALA C 332 -36.54 -12.82 3.16
C ALA C 332 -36.34 -11.42 2.60
N ALA C 333 -35.52 -10.60 3.27
CA ALA C 333 -35.39 -9.20 2.83
C ALA C 333 -33.98 -8.85 2.33
N ILE C 334 -32.94 -9.39 2.99
CA ILE C 334 -31.61 -8.95 2.66
C ILE C 334 -30.60 -9.92 3.23
N GLN C 335 -29.44 -10.02 2.59
CA GLN C 335 -28.38 -10.92 3.03
C GLN C 335 -27.18 -10.09 3.41
N GLU C 336 -26.55 -10.46 4.51
CA GLU C 336 -25.36 -9.79 5.02
C GLU C 336 -24.08 -10.24 4.26
N HIS C 337 -23.29 -9.26 3.84
CA HIS C 337 -22.09 -9.50 3.05
C HIS C 337 -20.94 -10.17 3.80
N VAL C 338 -20.26 -11.08 3.11
CA VAL C 338 -19.04 -11.69 3.60
C VAL C 338 -18.00 -11.66 2.47
N GLU C 339 -16.86 -11.03 2.75
CA GLU C 339 -15.74 -10.86 1.80
C GLU C 339 -15.21 -12.07 1.00
N TYR C 340 -14.51 -12.99 1.66
CA TYR C 340 -13.69 -14.06 1.01
C TYR C 340 -12.43 -13.55 0.29
N ASN C 341 -11.28 -13.84 0.88
CA ASN C 341 -9.97 -13.65 0.23
C ASN C 341 -9.69 -14.85 -0.67
N GLY C 342 -8.54 -14.84 -1.32
CA GLY C 342 -8.23 -15.81 -2.36
C GLY C 342 -8.10 -17.20 -1.77
N ASN C 343 -7.40 -17.26 -0.64
CA ASN C 343 -7.34 -18.49 0.16
C ASN C 343 -8.75 -19.10 0.31
N THR C 344 -9.69 -18.34 0.82
CA THR C 344 -11.03 -18.87 1.10
C THR C 344 -11.72 -19.39 -0.16
N HIS C 345 -11.68 -18.59 -1.23
CA HIS C 345 -12.19 -19.05 -2.51
C HIS C 345 -11.48 -20.32 -2.93
N LYS C 346 -10.21 -20.46 -2.57
CA LYS C 346 -9.51 -21.67 -2.92
C LYS C 346 -10.03 -22.91 -2.17
N VAL C 347 -10.15 -22.80 -0.86
CA VAL C 347 -10.76 -23.83 0.00
C VAL C 347 -12.25 -24.16 -0.35
N PHE C 348 -13.01 -23.18 -0.82
CA PHE C 348 -14.43 -23.38 -1.20
C PHE C 348 -14.71 -22.79 -2.56
N PRO C 349 -14.44 -23.56 -3.63
CA PRO C 349 -14.61 -23.15 -5.04
C PRO C 349 -16.06 -22.75 -5.39
N ASN C 350 -16.22 -21.81 -6.33
CA ASN C 350 -17.51 -21.40 -6.88
C ASN C 350 -18.41 -20.64 -5.94
N ALA C 351 -17.81 -19.99 -4.95
CA ALA C 351 -18.57 -19.24 -3.95
C ALA C 351 -19.01 -17.94 -4.60
N ALA C 352 -20.32 -17.69 -4.63
CA ALA C 352 -20.86 -16.52 -5.33
C ALA C 352 -20.49 -15.19 -4.65
N GLU C 353 -20.47 -14.14 -5.46
CA GLU C 353 -20.19 -12.82 -4.96
C GLU C 353 -21.25 -11.89 -5.45
N PRO C 354 -21.55 -10.86 -4.67
CA PRO C 354 -22.61 -9.95 -5.10
C PRO C 354 -22.32 -9.28 -6.46
N ILE C 355 -23.36 -9.20 -7.31
CA ILE C 355 -23.32 -8.51 -8.59
C ILE C 355 -24.34 -7.37 -8.52
N ASN C 356 -23.87 -6.14 -8.68
CA ASN C 356 -24.73 -4.94 -8.59
C ASN C 356 -25.65 -4.96 -7.35
N GLY C 357 -25.10 -5.43 -6.23
CA GLY C 357 -25.77 -5.38 -4.95
C GLY C 357 -26.71 -6.54 -4.62
N TYR C 358 -26.60 -7.65 -5.36
CA TYR C 358 -27.47 -8.83 -5.24
C TYR C 358 -26.64 -10.11 -5.23
N LEU C 359 -27.11 -11.08 -4.43
CA LEU C 359 -26.57 -12.40 -4.46
C LEU C 359 -27.52 -13.34 -5.17
N TYR C 360 -26.95 -14.13 -6.08
CA TYR C 360 -27.69 -15.08 -6.89
C TYR C 360 -27.49 -16.51 -6.33
N ALA C 361 -28.60 -17.26 -6.22
CA ALA C 361 -28.56 -18.62 -5.73
C ALA C 361 -27.76 -19.47 -6.74
N SER C 362 -27.08 -20.50 -6.23
CA SER C 362 -26.42 -21.49 -7.07
C SER C 362 -27.48 -22.27 -7.84
N GLU C 363 -27.13 -22.66 -9.06
CA GLU C 363 -28.03 -23.35 -9.99
C GLU C 363 -27.63 -24.80 -10.30
N ILE C 364 -26.53 -25.32 -9.76
CA ILE C 364 -26.22 -26.75 -9.93
C ILE C 364 -26.93 -27.52 -8.80
N ALA C 365 -27.02 -28.83 -8.94
CA ALA C 365 -27.66 -29.70 -7.94
C ALA C 365 -26.99 -29.52 -6.58
N GLY C 366 -27.77 -29.63 -5.49
CA GLY C 366 -27.18 -29.51 -4.16
C GLY C 366 -27.12 -28.08 -3.62
N ILE C 367 -26.29 -27.90 -2.60
CA ILE C 367 -25.97 -26.57 -2.07
C ILE C 367 -25.22 -25.77 -3.16
N GLY C 368 -24.32 -26.42 -3.87
CA GLY C 368 -23.61 -25.82 -4.98
C GLY C 368 -22.22 -25.36 -4.62
N VAL C 369 -21.91 -25.42 -3.33
CA VAL C 369 -20.57 -25.17 -2.83
C VAL C 369 -20.09 -26.29 -1.89
N GLU C 370 -18.88 -26.78 -2.14
CA GLU C 370 -18.23 -27.73 -1.25
C GLU C 370 -16.86 -27.21 -0.74
N ILE C 371 -16.18 -28.03 0.03
CA ILE C 371 -14.87 -27.69 0.53
C ILE C 371 -13.83 -28.55 -0.15
N ASP C 372 -12.76 -27.92 -0.60
CA ASP C 372 -11.65 -28.68 -1.17
C ASP C 372 -10.77 -29.13 -0.03
N ARG C 373 -10.80 -30.43 0.26
CA ARG C 373 -10.17 -30.97 1.45
C ARG C 373 -8.65 -30.78 1.42
N GLU C 374 -8.06 -30.90 0.23
CA GLU C 374 -6.59 -30.73 0.07
C GLU C 374 -6.24 -29.29 0.42
N ALA C 375 -6.93 -28.36 -0.24
CA ALA C 375 -6.75 -26.93 -0.02
C ALA C 375 -6.95 -26.55 1.44
N ALA C 376 -7.94 -27.16 2.09
CA ALA C 376 -8.20 -26.86 3.50
C ALA C 376 -7.02 -27.35 4.35
N ALA C 377 -6.32 -28.35 3.82
CA ALA C 377 -5.05 -28.82 4.42
C ALA C 377 -4.01 -27.70 4.56
N GLU C 378 -3.77 -26.99 3.46
CA GLU C 378 -2.79 -25.90 3.50
C GLU C 378 -3.01 -24.92 4.66
N PHE C 379 -4.17 -24.96 5.31
CA PHE C 379 -4.50 -23.83 6.20
C PHE C 379 -5.06 -24.24 7.55
N PRO C 380 -4.27 -25.00 8.33
CA PRO C 380 -4.68 -25.51 9.65
C PRO C 380 -4.54 -24.43 10.72
NA NA D . 47.75 8.74 -9.22
NA NA E . 34.43 -18.33 4.06
NA NA F . -48.61 6.43 21.83
#